data_1T9B
#
_entry.id   1T9B
#
_cell.length_a   154.579
_cell.length_b   154.579
_cell.length_c   178.759
_cell.angle_alpha   90.00
_cell.angle_beta   90.00
_cell.angle_gamma   90.00
#
_symmetry.space_group_name_H-M   'P 4 2 2'
#
loop_
_entity.id
_entity.type
_entity.pdbx_description
1 polymer 'Acetolactate synthase, mitochondrial'
2 non-polymer 'POTASSIUM ION'
3 non-polymer 'MAGNESIUM ION'
4 non-polymer 1-(2-CHLOROPHENYLSULFONYL)-3-(4-METHOXY-6-METHYL-L,3,5-TRIAZIN-2-YL)UREA
5 non-polymer 'FLAVIN-ADENINE DINUCLEOTIDE'
6 non-polymer 5-(AMINOMETHYL)-2-METHYLPYRIMIDIN-4-AMINE
7 non-polymer 'ETHYL DIHYDROGEN DIPHOSPHATE'
8 non-polymer 2-{[(4-AMINO-2-METHYLPYRIMIDIN-5-YL)METHYL]AMINO}PROPANE-1-THIOL
9 non-polymer 'PENTYL TRIHYDROGEN DIPHOSPHATE'
10 water water
#
_entity_poly.entity_id   1
_entity_poly.type   'polypeptide(L)'
_entity_poly.pdbx_seq_one_letter_code
;MHHHHHHSSGLVPRGSGMKETAAAKFERQHMDSPDLGTDDDDKAMGSAPSFNVDPLEQPAEPSKLAKKLRAEPDMDTSFV
GLTGGQIFNEMMSRQNVDTVFGYPGGAILPVYDAIHNSDKFNFVLPKHEQGAGHMAEGYARASGKPGVVLVTSGPGATNV
VTPMADAFADGIPMVVFTGQVPTSAIGTDAFQEADVVGISRSCTKWNVMVKSVEELPLRINEAFEIATSGRPGPVLVDLP
KDVTAAILRNPIPTKTTLPSNALNQLTSRAQDEFVMQSINKAADLINLAKKPVLYVGAGILNHADGPRLLKELSDRAQIP
VTTTLQGLGSFDQEDPKSLDMLGMHGCATANLAVQNADLIIAVGARFDDRVTGNISKFAPEARRAAAEGRGGIIHFEVSP
KNINKVVQTQIAVEGDATTNLGKMMSKIFPVKERSEWFAQINKWKKEYPYAYMEETPGSKIKPQTVIKKLSKVANDTGRH
VIVTTGVGQHQMWAAQHWTWRNPHTFITSGGLGTMGYGLPAAIGAQVAKPESLVIDIDGDASFNMTLTELSSAVQAGTPV
KILILNNEEQGMVTQWQSLFYEHRYSHTHQLNPDFIKLAEAMGLKGLRVKKQEELDAKLKEFVSTKGPVLLEVEVDKKVP
VLPMVAGGSGLDEFINFDPEVERQQTELRHKRTGGKH
;
_entity_poly.pdbx_strand_id   A,B
#
loop_
_chem_comp.id
_chem_comp.type
_chem_comp.name
_chem_comp.formula
1CS non-polymer 1-(2-CHLOROPHENYLSULFONYL)-3-(4-METHOXY-6-METHYL-L,3,5-TRIAZIN-2-YL)UREA 'C12 H12 Cl N5 O4 S'
FAD non-polymer 'FLAVIN-ADENINE DINUCLEOTIDE' 'C27 H33 N9 O15 P2'
K non-polymer 'POTASSIUM ION' 'K 1'
MG non-polymer 'MAGNESIUM ION' 'Mg 2'
NSP non-polymer 5-(AMINOMETHYL)-2-METHYLPYRIMIDIN-4-AMINE 'C6 H10 N4'
P22 non-polymer 'ETHYL DIHYDROGEN DIPHOSPHATE' 'C2 H8 O7 P2'
P25 non-polymer 'PENTYL TRIHYDROGEN DIPHOSPHATE' 'C5 H14 O7 P2'
YF3 non-polymer 2-{[(4-AMINO-2-METHYLPYRIMIDIN-5-YL)METHYL]AMINO}PROPANE-1-THIOL 'C9 H16 N4 S'
#
# COMPACT_ATOMS: atom_id res chain seq x y z
N MET A 75 -11.78 -7.67 -41.33
CA MET A 75 -10.99 -8.22 -40.25
C MET A 75 -9.53 -7.78 -40.34
N ASP A 76 -8.79 -7.95 -39.23
CA ASP A 76 -7.39 -7.57 -39.17
C ASP A 76 -6.55 -8.79 -38.80
N THR A 77 -5.36 -8.90 -39.39
CA THR A 77 -4.47 -10.02 -39.12
C THR A 77 -3.04 -9.58 -38.81
N SER A 78 -2.86 -8.30 -38.52
CA SER A 78 -1.54 -7.76 -38.21
C SER A 78 -1.02 -8.31 -36.87
N PHE A 79 -1.91 -8.89 -36.08
CA PHE A 79 -1.54 -9.44 -34.77
C PHE A 79 -1.51 -10.97 -34.75
N VAL A 80 -2.04 -11.61 -35.79
CA VAL A 80 -2.04 -13.05 -35.85
C VAL A 80 -0.62 -13.57 -35.70
N GLY A 81 -0.44 -14.59 -34.87
CA GLY A 81 0.88 -15.15 -34.67
C GLY A 81 1.61 -14.56 -33.47
N LEU A 82 1.09 -13.45 -32.94
CA LEU A 82 1.70 -12.80 -31.79
C LEU A 82 1.07 -13.24 -30.47
N THR A 83 1.86 -13.19 -29.40
CA THR A 83 1.35 -13.55 -28.07
C THR A 83 0.61 -12.34 -27.52
N GLY A 84 -0.20 -12.57 -26.49
CA GLY A 84 -0.93 -11.46 -25.89
C GLY A 84 0.05 -10.39 -25.43
N GLY A 85 1.19 -10.81 -24.90
CA GLY A 85 2.19 -9.87 -24.44
C GLY A 85 2.77 -9.02 -25.57
N GLN A 86 3.02 -9.65 -26.71
CA GLN A 86 3.57 -8.94 -27.85
C GLN A 86 2.53 -7.95 -28.36
N ILE A 87 1.26 -8.35 -28.33
CA ILE A 87 0.19 -7.47 -28.77
C ILE A 87 0.15 -6.26 -27.85
N PHE A 88 0.33 -6.48 -26.56
CA PHE A 88 0.35 -5.41 -25.57
C PHE A 88 1.45 -4.43 -25.98
N ASN A 89 2.62 -4.97 -26.28
CA ASN A 89 3.77 -4.16 -26.68
C ASN A 89 3.38 -3.26 -27.86
N GLU A 90 2.78 -3.84 -28.89
CA GLU A 90 2.37 -3.08 -30.06
C GLU A 90 1.30 -2.05 -29.74
N MET A 91 0.33 -2.43 -28.92
CA MET A 91 -0.75 -1.52 -28.54
C MET A 91 -0.25 -0.26 -27.84
N MET A 92 0.84 -0.38 -27.07
CA MET A 92 1.39 0.78 -26.37
C MET A 92 1.85 1.79 -27.42
N SER A 93 2.46 1.28 -28.49
CA SER A 93 2.94 2.12 -29.58
C SER A 93 1.76 2.82 -30.23
N ARG A 94 0.73 2.05 -30.56
CA ARG A 94 -0.47 2.60 -31.18
C ARG A 94 -1.16 3.65 -30.32
N GLN A 95 -1.04 3.51 -29.00
CA GLN A 95 -1.66 4.46 -28.08
C GLN A 95 -0.74 5.64 -27.76
N ASN A 96 0.35 5.74 -28.50
CA ASN A 96 1.30 6.84 -28.31
C ASN A 96 1.90 6.87 -26.92
N VAL A 97 2.07 5.69 -26.32
CA VAL A 97 2.65 5.60 -24.98
C VAL A 97 4.18 5.68 -25.08
N ASP A 98 4.78 6.62 -24.35
CA ASP A 98 6.22 6.75 -24.38
C ASP A 98 6.89 6.37 -23.06
N THR A 99 6.09 6.05 -22.05
CA THR A 99 6.63 5.67 -20.75
C THR A 99 5.70 4.74 -19.99
N VAL A 100 6.25 3.67 -19.43
CA VAL A 100 5.49 2.72 -18.64
C VAL A 100 6.13 2.56 -17.27
N PHE A 101 5.33 2.69 -16.21
CA PHE A 101 5.82 2.53 -14.85
C PHE A 101 5.33 1.18 -14.33
N GLY A 102 6.24 0.38 -13.80
CA GLY A 102 5.82 -0.93 -13.31
C GLY A 102 6.83 -1.72 -12.52
N TYR A 103 6.40 -2.90 -12.07
CA TYR A 103 7.21 -3.80 -11.30
C TYR A 103 6.78 -5.20 -11.73
N PRO A 104 7.74 -6.04 -12.14
CA PRO A 104 7.43 -7.41 -12.59
C PRO A 104 7.06 -8.43 -11.52
N GLY A 105 6.44 -9.51 -11.97
CA GLY A 105 6.02 -10.58 -11.09
C GLY A 105 5.61 -11.78 -11.92
N GLY A 106 5.44 -12.93 -11.27
CA GLY A 106 5.08 -14.15 -11.96
C GLY A 106 3.94 -14.08 -12.97
N ALA A 107 2.76 -13.68 -12.51
CA ALA A 107 1.59 -13.62 -13.37
C ALA A 107 1.70 -12.71 -14.58
N ILE A 108 2.54 -11.68 -14.47
CA ILE A 108 2.67 -10.74 -15.57
C ILE A 108 3.92 -10.98 -16.45
N LEU A 109 4.62 -12.08 -16.20
CA LEU A 109 5.83 -12.40 -16.95
C LEU A 109 5.70 -12.46 -18.47
N PRO A 110 4.58 -12.99 -18.99
CA PRO A 110 4.43 -13.05 -20.45
C PRO A 110 4.55 -11.67 -21.10
N VAL A 111 4.03 -10.65 -20.40
CA VAL A 111 4.09 -9.29 -20.92
C VAL A 111 5.49 -8.70 -20.78
N TYR A 112 6.12 -8.91 -19.62
CA TYR A 112 7.47 -8.38 -19.43
C TYR A 112 8.44 -8.99 -20.42
N ASP A 113 8.20 -10.23 -20.84
CA ASP A 113 9.08 -10.87 -21.80
C ASP A 113 8.93 -10.18 -23.16
N ALA A 114 7.69 -9.85 -23.50
CA ALA A 114 7.37 -9.21 -24.76
C ALA A 114 7.90 -7.77 -24.86
N ILE A 115 8.00 -7.09 -23.73
CA ILE A 115 8.47 -5.71 -23.75
C ILE A 115 9.96 -5.60 -23.39
N HIS A 116 10.61 -6.75 -23.25
CA HIS A 116 12.03 -6.77 -22.91
C HIS A 116 12.84 -6.00 -23.96
N ASN A 117 13.57 -4.99 -23.52
CA ASN A 117 14.37 -4.14 -24.41
C ASN A 117 13.52 -3.53 -25.53
N SER A 118 12.26 -3.24 -25.24
CA SER A 118 11.38 -2.65 -26.23
C SER A 118 11.82 -1.21 -26.50
N ASP A 119 11.77 -0.79 -27.75
CA ASP A 119 12.16 0.57 -28.11
C ASP A 119 10.94 1.44 -28.34
N LYS A 120 9.76 0.87 -28.12
CA LYS A 120 8.51 1.59 -28.31
C LYS A 120 8.22 2.57 -27.17
N PHE A 121 8.86 2.36 -26.04
CA PHE A 121 8.66 3.24 -24.88
C PHE A 121 9.73 3.00 -23.82
N ASN A 122 9.86 3.96 -22.91
CA ASN A 122 10.82 3.86 -21.82
C ASN A 122 10.13 3.20 -20.63
N PHE A 123 10.90 2.53 -19.79
CA PHE A 123 10.33 1.87 -18.61
C PHE A 123 10.93 2.45 -17.34
N VAL A 124 10.08 2.68 -16.34
CA VAL A 124 10.54 3.21 -15.07
C VAL A 124 10.25 2.19 -13.97
N LEU A 125 11.28 1.80 -13.25
CA LEU A 125 11.16 0.80 -12.19
C LEU A 125 11.27 1.42 -10.80
N PRO A 126 10.19 1.33 -10.01
CA PRO A 126 10.20 1.88 -8.65
C PRO A 126 10.64 0.77 -7.70
N LYS A 127 10.60 1.03 -6.41
CA LYS A 127 10.96 0.02 -5.42
C LYS A 127 9.69 -0.62 -4.86
N HIS A 128 8.56 0.07 -5.05
CA HIS A 128 7.26 -0.37 -4.55
C HIS A 128 6.18 0.03 -5.56
N GLU A 129 5.20 -0.85 -5.80
CA GLU A 129 4.15 -0.54 -6.77
C GLU A 129 3.39 0.75 -6.49
N GLN A 130 3.31 1.15 -5.22
CA GLN A 130 2.63 2.40 -4.89
C GLN A 130 3.41 3.50 -5.57
N GLY A 131 4.74 3.35 -5.56
CA GLY A 131 5.60 4.33 -6.19
C GLY A 131 5.29 4.41 -7.67
N ALA A 132 5.12 3.26 -8.32
CA ALA A 132 4.81 3.25 -9.74
C ALA A 132 3.50 4.01 -10.00
N GLY A 133 2.53 3.77 -9.12
CA GLY A 133 1.24 4.42 -9.25
C GLY A 133 1.31 5.94 -9.15
N HIS A 134 1.96 6.44 -8.10
CA HIS A 134 2.07 7.87 -7.92
C HIS A 134 2.97 8.52 -8.98
N MET A 135 3.95 7.76 -9.46
CA MET A 135 4.84 8.27 -10.50
C MET A 135 4.01 8.47 -11.76
N ALA A 136 3.13 7.51 -12.04
CA ALA A 136 2.27 7.60 -13.21
C ALA A 136 1.32 8.79 -13.09
N GLU A 137 0.89 9.10 -11.87
CA GLU A 137 -0.02 10.24 -11.69
C GLU A 137 0.74 11.52 -11.93
N GLY A 138 1.97 11.59 -11.41
CA GLY A 138 2.79 12.76 -11.59
C GLY A 138 3.03 12.97 -13.07
N TYR A 139 3.37 11.88 -13.77
CA TYR A 139 3.62 11.90 -15.20
C TYR A 139 2.40 12.45 -15.95
N ALA A 140 1.22 11.92 -15.64
CA ALA A 140 -0.01 12.34 -16.28
C ALA A 140 -0.33 13.81 -16.02
N ARG A 141 -0.14 14.26 -14.78
CA ARG A 141 -0.42 15.64 -14.41
C ARG A 141 0.43 16.65 -15.17
N ALA A 142 1.71 16.32 -15.36
CA ALA A 142 2.64 17.21 -16.04
C ALA A 142 2.60 17.14 -17.57
N SER A 143 2.19 15.99 -18.11
CA SER A 143 2.16 15.81 -19.55
C SER A 143 0.80 15.92 -20.23
N GLY A 144 -0.25 15.52 -19.52
CA GLY A 144 -1.58 15.57 -20.11
C GLY A 144 -1.88 14.23 -20.77
N LYS A 145 -0.91 13.33 -20.72
CA LYS A 145 -1.06 11.99 -21.28
C LYS A 145 -1.38 11.02 -20.15
N PRO A 146 -2.11 9.94 -20.46
CA PRO A 146 -2.43 8.99 -19.38
C PRO A 146 -1.20 8.25 -18.83
N GLY A 147 -1.20 8.06 -17.51
CA GLY A 147 -0.09 7.34 -16.89
C GLY A 147 -0.35 5.85 -17.04
N VAL A 148 0.62 5.11 -17.53
CA VAL A 148 0.46 3.67 -17.72
C VAL A 148 1.23 2.87 -16.66
N VAL A 149 0.52 1.98 -15.99
CA VAL A 149 1.10 1.14 -14.94
C VAL A 149 1.03 -0.35 -15.31
N LEU A 150 2.09 -1.08 -15.04
CA LEU A 150 2.15 -2.52 -15.34
C LEU A 150 2.72 -3.28 -14.14
N VAL A 151 1.85 -3.95 -13.38
CA VAL A 151 2.27 -4.69 -12.21
C VAL A 151 1.77 -6.13 -12.24
N THR A 152 2.20 -6.94 -11.27
CA THR A 152 1.80 -8.33 -11.22
C THR A 152 0.50 -8.54 -10.44
N SER A 153 0.12 -9.80 -10.27
CA SER A 153 -1.10 -10.15 -9.57
C SER A 153 -0.94 -10.02 -8.06
N GLY A 154 -2.01 -10.35 -7.33
CA GLY A 154 -1.98 -10.30 -5.88
C GLY A 154 -1.46 -9.03 -5.23
N PRO A 155 -0.33 -9.11 -4.50
CA PRO A 155 0.25 -7.95 -3.83
C PRO A 155 0.66 -6.84 -4.80
N GLY A 156 1.00 -7.21 -6.02
CA GLY A 156 1.37 -6.21 -7.00
C GLY A 156 0.17 -5.32 -7.27
N ALA A 157 -0.99 -5.95 -7.41
CA ALA A 157 -2.23 -5.26 -7.68
C ALA A 157 -2.79 -4.51 -6.46
N THR A 158 -2.79 -5.15 -5.31
CA THR A 158 -3.31 -4.48 -4.12
C THR A 158 -2.44 -3.28 -3.75
N ASN A 159 -1.15 -3.34 -4.07
CA ASN A 159 -0.24 -2.23 -3.79
C ASN A 159 -0.49 -0.98 -4.64
N VAL A 160 -1.37 -1.07 -5.63
CA VAL A 160 -1.66 0.10 -6.46
C VAL A 160 -3.06 0.65 -6.21
N VAL A 161 -3.72 0.11 -5.18
CA VAL A 161 -5.07 0.56 -4.83
C VAL A 161 -5.09 2.02 -4.38
N THR A 162 -4.12 2.41 -3.56
CA THR A 162 -4.05 3.79 -3.08
C THR A 162 -3.86 4.77 -4.25
N PRO A 163 -2.91 4.49 -5.16
CA PRO A 163 -2.71 5.40 -6.30
C PRO A 163 -3.98 5.51 -7.15
N MET A 164 -4.70 4.40 -7.30
CA MET A 164 -5.93 4.43 -8.08
C MET A 164 -6.99 5.26 -7.37
N ALA A 165 -7.18 5.02 -6.07
CA ALA A 165 -8.17 5.79 -5.32
C ALA A 165 -7.81 7.28 -5.38
N ASP A 166 -6.50 7.55 -5.35
CA ASP A 166 -6.00 8.92 -5.42
C ASP A 166 -6.30 9.54 -6.79
N ALA A 167 -6.04 8.79 -7.85
CA ALA A 167 -6.29 9.27 -9.20
C ALA A 167 -7.79 9.44 -9.44
N PHE A 168 -8.59 8.56 -8.83
CA PHE A 168 -10.05 8.59 -8.97
C PHE A 168 -10.60 9.86 -8.32
N ALA A 169 -10.03 10.22 -7.17
CA ALA A 169 -10.48 11.41 -6.44
C ALA A 169 -10.14 12.72 -7.16
N ASP A 170 -8.95 12.79 -7.75
CA ASP A 170 -8.50 14.00 -8.45
C ASP A 170 -8.70 13.99 -9.96
N GLY A 171 -9.36 12.97 -10.49
CA GLY A 171 -9.60 12.88 -11.92
C GLY A 171 -8.34 12.86 -12.77
N ILE A 172 -7.46 11.91 -12.50
CA ILE A 172 -6.21 11.78 -13.24
C ILE A 172 -6.24 10.57 -14.17
N PRO A 173 -5.93 10.78 -15.47
CA PRO A 173 -5.95 9.68 -16.44
C PRO A 173 -4.85 8.66 -16.14
N MET A 174 -5.26 7.42 -15.90
CA MET A 174 -4.30 6.37 -15.59
C MET A 174 -4.84 5.01 -16.05
N VAL A 175 -4.00 4.25 -16.72
CA VAL A 175 -4.37 2.91 -17.18
C VAL A 175 -3.51 1.91 -16.43
N VAL A 176 -4.14 1.16 -15.54
CA VAL A 176 -3.43 0.18 -14.73
C VAL A 176 -3.59 -1.23 -15.27
N PHE A 177 -2.47 -1.84 -15.62
CA PHE A 177 -2.46 -3.20 -16.12
C PHE A 177 -1.93 -4.09 -15.01
N THR A 178 -2.73 -5.06 -14.58
CA THR A 178 -2.33 -5.97 -13.52
C THR A 178 -2.32 -7.41 -14.01
N GLY A 179 -1.22 -8.10 -13.76
CA GLY A 179 -1.14 -9.49 -14.15
C GLY A 179 -2.13 -10.23 -13.27
N GLN A 180 -2.64 -11.36 -13.74
CA GLN A 180 -3.60 -12.15 -12.99
C GLN A 180 -3.26 -13.63 -13.21
N VAL A 181 -3.64 -14.46 -12.25
CA VAL A 181 -3.38 -15.89 -12.37
C VAL A 181 -4.13 -16.42 -13.60
N PRO A 182 -3.71 -17.59 -14.13
CA PRO A 182 -4.37 -18.17 -15.31
C PRO A 182 -5.88 -18.29 -15.10
N THR A 183 -6.65 -18.16 -16.18
CA THR A 183 -8.10 -18.26 -16.09
C THR A 183 -8.52 -19.59 -15.49
N SER A 184 -7.68 -20.61 -15.65
CA SER A 184 -7.97 -21.94 -15.13
C SER A 184 -7.59 -22.06 -13.65
N ALA A 185 -7.20 -20.94 -13.05
CA ALA A 185 -6.82 -20.95 -11.64
C ALA A 185 -7.66 -19.96 -10.86
N ILE A 186 -8.34 -19.06 -11.57
CA ILE A 186 -9.17 -18.05 -10.93
C ILE A 186 -10.28 -18.70 -10.10
N GLY A 187 -10.48 -18.19 -8.89
CA GLY A 187 -11.50 -18.72 -8.01
C GLY A 187 -11.09 -19.97 -7.25
N THR A 188 -9.80 -20.28 -7.22
CA THR A 188 -9.34 -21.47 -6.51
C THR A 188 -8.39 -21.11 -5.37
N ASP A 189 -8.26 -19.81 -5.08
CA ASP A 189 -7.36 -19.35 -4.03
C ASP A 189 -5.94 -19.72 -4.47
N ALA A 190 -5.62 -19.40 -5.72
CA ALA A 190 -4.33 -19.69 -6.31
C ALA A 190 -3.24 -18.77 -5.77
N PHE A 191 -1.99 -19.15 -6.06
CA PHE A 191 -0.82 -18.38 -5.64
C PHE A 191 -0.92 -16.93 -6.11
N GLN A 192 -0.80 -16.01 -5.16
CA GLN A 192 -0.87 -14.57 -5.44
C GLN A 192 -2.12 -14.14 -6.21
N GLU A 193 -3.25 -14.77 -5.90
CA GLU A 193 -4.50 -14.40 -6.57
C GLU A 193 -5.31 -13.44 -5.70
N ALA A 194 -5.94 -12.47 -6.36
CA ALA A 194 -6.77 -11.49 -5.67
C ALA A 194 -7.90 -11.09 -6.61
N ASP A 195 -9.04 -10.73 -6.05
CA ASP A 195 -10.17 -10.30 -6.86
C ASP A 195 -9.94 -8.82 -7.13
N VAL A 196 -9.01 -8.53 -8.03
CA VAL A 196 -8.66 -7.15 -8.36
C VAL A 196 -9.79 -6.34 -8.98
N VAL A 197 -10.60 -6.98 -9.81
CA VAL A 197 -11.72 -6.28 -10.44
C VAL A 197 -12.71 -5.82 -9.36
N GLY A 198 -12.93 -6.66 -8.36
CA GLY A 198 -13.84 -6.30 -7.29
C GLY A 198 -13.24 -5.26 -6.37
N ILE A 199 -11.99 -5.45 -5.97
CA ILE A 199 -11.30 -4.51 -5.09
C ILE A 199 -11.24 -3.10 -5.66
N SER A 200 -10.90 -2.99 -6.94
CA SER A 200 -10.75 -1.69 -7.58
C SER A 200 -12.02 -1.11 -8.21
N ARG A 201 -13.14 -1.79 -8.06
CA ARG A 201 -14.39 -1.30 -8.66
C ARG A 201 -14.75 0.12 -8.24
N SER A 202 -14.70 0.40 -6.94
CA SER A 202 -15.04 1.74 -6.45
C SER A 202 -13.99 2.82 -6.69
N CYS A 203 -12.79 2.44 -7.12
CA CYS A 203 -11.75 3.44 -7.36
C CYS A 203 -11.25 3.49 -8.80
N THR A 204 -12.11 3.12 -9.74
CA THR A 204 -11.77 3.17 -11.16
C THR A 204 -13.05 3.53 -11.90
N LYS A 205 -12.92 4.29 -12.97
CA LYS A 205 -14.09 4.67 -13.76
C LYS A 205 -14.63 3.41 -14.43
N TRP A 206 -13.74 2.45 -14.65
CA TRP A 206 -14.10 1.22 -15.33
C TRP A 206 -12.93 0.24 -15.22
N ASN A 207 -13.24 -1.05 -15.20
CA ASN A 207 -12.21 -2.08 -15.15
C ASN A 207 -12.76 -3.32 -15.82
N VAL A 208 -11.88 -4.27 -16.13
CA VAL A 208 -12.30 -5.48 -16.79
C VAL A 208 -11.21 -6.53 -16.72
N MET A 209 -11.58 -7.78 -16.96
CA MET A 209 -10.61 -8.85 -16.98
C MET A 209 -10.64 -9.44 -18.38
N VAL A 210 -9.52 -9.33 -19.09
CA VAL A 210 -9.44 -9.85 -20.45
C VAL A 210 -9.56 -11.37 -20.38
N LYS A 211 -10.57 -11.91 -21.07
CA LYS A 211 -10.82 -13.34 -21.04
C LYS A 211 -10.15 -14.13 -22.17
N SER A 212 -9.70 -13.44 -23.22
CA SER A 212 -9.03 -14.10 -24.33
C SER A 212 -8.14 -13.12 -25.07
N VAL A 213 -7.11 -13.63 -25.73
CA VAL A 213 -6.19 -12.76 -26.46
C VAL A 213 -6.90 -12.01 -27.58
N GLU A 214 -7.98 -12.59 -28.12
CA GLU A 214 -8.74 -11.97 -29.20
C GLU A 214 -9.30 -10.60 -28.79
N GLU A 215 -9.67 -10.45 -27.53
CA GLU A 215 -10.26 -9.20 -27.07
C GLU A 215 -9.28 -8.24 -26.41
N LEU A 216 -8.00 -8.58 -26.40
CA LEU A 216 -7.00 -7.73 -25.78
C LEU A 216 -6.91 -6.34 -26.42
N PRO A 217 -6.81 -6.28 -27.76
CA PRO A 217 -6.73 -4.97 -28.41
C PRO A 217 -7.93 -4.11 -28.07
N LEU A 218 -9.11 -4.71 -28.12
CA LEU A 218 -10.34 -4.00 -27.81
C LEU A 218 -10.34 -3.44 -26.39
N ARG A 219 -10.09 -4.30 -25.41
CA ARG A 219 -10.08 -3.87 -24.02
C ARG A 219 -9.06 -2.78 -23.76
N ILE A 220 -7.90 -2.88 -24.41
CA ILE A 220 -6.86 -1.87 -24.25
C ILE A 220 -7.34 -0.55 -24.83
N ASN A 221 -7.97 -0.60 -26.00
CA ASN A 221 -8.48 0.61 -26.62
C ASN A 221 -9.59 1.26 -25.80
N GLU A 222 -10.48 0.44 -25.25
CA GLU A 222 -11.57 0.98 -24.44
C GLU A 222 -11.00 1.63 -23.18
N ALA A 223 -9.99 0.99 -22.58
CA ALA A 223 -9.36 1.51 -21.38
C ALA A 223 -8.79 2.91 -21.57
N PHE A 224 -7.94 3.07 -22.58
CA PHE A 224 -7.34 4.38 -22.84
C PHE A 224 -8.41 5.42 -23.17
N GLU A 225 -9.43 5.01 -23.91
CA GLU A 225 -10.50 5.93 -24.27
C GLU A 225 -11.25 6.39 -23.04
N ILE A 226 -11.66 5.45 -22.21
CA ILE A 226 -12.40 5.77 -21.00
C ILE A 226 -11.60 6.61 -20.01
N ALA A 227 -10.32 6.29 -19.85
CA ALA A 227 -9.45 7.01 -18.93
C ALA A 227 -9.24 8.47 -19.32
N THR A 228 -9.34 8.75 -20.61
CA THR A 228 -9.12 10.11 -21.10
C THR A 228 -10.38 10.89 -21.52
N SER A 229 -11.55 10.27 -21.41
CA SER A 229 -12.80 10.92 -21.79
C SER A 229 -13.51 11.50 -20.59
N GLY A 230 -14.54 12.31 -20.84
CA GLY A 230 -15.30 12.93 -19.77
C GLY A 230 -14.35 13.52 -18.74
N ARG A 231 -14.55 13.16 -17.47
CA ARG A 231 -13.63 13.62 -16.45
C ARG A 231 -12.56 12.54 -16.46
N PRO A 232 -11.30 12.90 -16.71
CA PRO A 232 -10.26 11.87 -16.72
C PRO A 232 -10.25 11.05 -15.43
N GLY A 233 -9.80 9.80 -15.52
CA GLY A 233 -9.76 8.95 -14.33
C GLY A 233 -9.00 7.66 -14.58
N PRO A 234 -8.80 6.85 -13.53
CA PRO A 234 -8.07 5.58 -13.67
C PRO A 234 -8.98 4.43 -14.09
N VAL A 235 -8.41 3.49 -14.84
CA VAL A 235 -9.14 2.31 -15.27
C VAL A 235 -8.18 1.14 -15.04
N LEU A 236 -8.72 -0.06 -14.84
CA LEU A 236 -7.86 -1.20 -14.62
C LEU A 236 -8.18 -2.33 -15.58
N VAL A 237 -7.13 -2.95 -16.11
CA VAL A 237 -7.29 -4.07 -17.04
C VAL A 237 -6.53 -5.26 -16.45
N ASP A 238 -7.28 -6.29 -16.05
CA ASP A 238 -6.74 -7.49 -15.45
C ASP A 238 -6.32 -8.46 -16.58
N LEU A 239 -5.05 -8.87 -16.54
CA LEU A 239 -4.50 -9.75 -17.59
C LEU A 239 -4.10 -11.15 -17.13
N PRO A 240 -4.98 -12.14 -17.31
CA PRO A 240 -4.65 -13.50 -16.90
C PRO A 240 -3.38 -13.96 -17.62
N LYS A 241 -2.51 -14.65 -16.89
CA LYS A 241 -1.24 -15.13 -17.44
C LYS A 241 -1.40 -15.96 -18.72
N ASP A 242 -2.39 -16.86 -18.75
CA ASP A 242 -2.58 -17.69 -19.92
C ASP A 242 -3.05 -16.89 -21.14
N VAL A 243 -3.68 -15.73 -20.89
CA VAL A 243 -4.16 -14.89 -21.97
C VAL A 243 -3.00 -14.12 -22.61
N THR A 244 -2.09 -13.61 -21.78
CA THR A 244 -0.95 -12.86 -22.30
C THR A 244 0.11 -13.78 -22.89
N ALA A 245 0.03 -15.08 -22.59
CA ALA A 245 0.98 -16.04 -23.12
C ALA A 245 0.43 -16.67 -24.39
N ALA A 246 -0.90 -16.59 -24.56
CA ALA A 246 -1.57 -17.15 -25.71
C ALA A 246 -1.21 -16.46 -27.02
N ILE A 247 -1.19 -17.22 -28.11
CA ILE A 247 -0.87 -16.69 -29.43
C ILE A 247 -2.16 -16.47 -30.21
N LEU A 248 -2.31 -15.28 -30.79
CA LEU A 248 -3.50 -14.99 -31.57
C LEU A 248 -3.45 -15.78 -32.87
N ARG A 249 -4.39 -16.71 -33.03
CA ARG A 249 -4.44 -17.55 -34.22
C ARG A 249 -5.41 -17.07 -35.29
N ASN A 250 -6.56 -16.56 -34.86
CA ASN A 250 -7.57 -16.09 -35.80
C ASN A 250 -7.68 -14.57 -35.89
N PRO A 251 -8.05 -14.06 -37.08
CA PRO A 251 -8.20 -12.62 -37.34
C PRO A 251 -9.24 -11.98 -36.43
N ILE A 252 -9.07 -10.69 -36.14
CA ILE A 252 -10.00 -9.98 -35.28
C ILE A 252 -10.55 -8.72 -35.95
N PRO A 253 -11.80 -8.34 -35.61
CA PRO A 253 -12.45 -7.16 -36.17
C PRO A 253 -11.61 -5.90 -36.00
N PHE A 274 -29.11 21.94 -27.17
CA PHE A 274 -29.65 22.18 -25.82
C PHE A 274 -28.64 22.86 -24.91
N VAL A 275 -27.36 22.54 -25.11
CA VAL A 275 -26.30 23.13 -24.32
C VAL A 275 -26.23 24.61 -24.69
N MET A 276 -26.56 24.90 -25.94
CA MET A 276 -26.53 26.27 -26.45
C MET A 276 -27.50 27.15 -25.66
N GLN A 277 -28.66 26.58 -25.31
CA GLN A 277 -29.66 27.31 -24.54
C GLN A 277 -29.08 27.75 -23.21
N SER A 278 -28.42 26.83 -22.53
CA SER A 278 -27.80 27.11 -21.24
C SER A 278 -26.69 28.14 -21.39
N ILE A 279 -25.96 28.06 -22.50
CA ILE A 279 -24.88 28.99 -22.77
C ILE A 279 -25.43 30.40 -22.97
N ASN A 280 -26.58 30.51 -23.64
CA ASN A 280 -27.20 31.80 -23.87
C ASN A 280 -27.68 32.42 -22.57
N LYS A 281 -28.36 31.64 -21.75
CA LYS A 281 -28.86 32.12 -20.47
C LYS A 281 -27.68 32.50 -19.57
N ALA A 282 -26.61 31.71 -19.64
CA ALA A 282 -25.42 31.97 -18.84
C ALA A 282 -24.84 33.34 -19.19
N ALA A 283 -24.75 33.63 -20.48
CA ALA A 283 -24.22 34.90 -20.94
C ALA A 283 -25.06 36.08 -20.44
N ASP A 284 -26.38 35.91 -20.45
CA ASP A 284 -27.28 36.98 -19.99
C ASP A 284 -27.12 37.23 -18.49
N LEU A 285 -26.97 36.15 -17.72
CA LEU A 285 -26.82 36.27 -16.28
C LEU A 285 -25.53 37.00 -15.94
N ILE A 286 -24.47 36.70 -16.69
CA ILE A 286 -23.19 37.33 -16.46
C ILE A 286 -23.24 38.82 -16.80
N ASN A 287 -23.84 39.14 -17.94
CA ASN A 287 -23.95 40.53 -18.36
C ASN A 287 -24.84 41.32 -17.41
N LEU A 288 -25.54 40.60 -16.54
CA LEU A 288 -26.45 41.19 -15.58
C LEU A 288 -25.85 41.24 -14.16
N ALA A 289 -24.66 40.66 -13.99
CA ALA A 289 -23.99 40.62 -12.68
C ALA A 289 -23.28 41.91 -12.28
N LYS A 290 -23.42 42.27 -11.01
CA LYS A 290 -22.80 43.48 -10.48
C LYS A 290 -21.57 43.15 -9.62
N LYS A 291 -21.51 41.93 -9.10
CA LYS A 291 -20.39 41.47 -8.28
C LYS A 291 -20.11 40.01 -8.57
N PRO A 292 -19.67 39.71 -9.81
CA PRO A 292 -19.36 38.35 -10.26
C PRO A 292 -18.00 37.85 -9.78
N VAL A 293 -17.88 36.53 -9.71
CA VAL A 293 -16.62 35.92 -9.31
C VAL A 293 -16.46 34.61 -10.05
N LEU A 294 -15.26 34.39 -10.58
CA LEU A 294 -14.96 33.15 -11.28
C LEU A 294 -14.33 32.19 -10.29
N TYR A 295 -15.01 31.06 -10.07
CA TYR A 295 -14.56 30.00 -9.16
C TYR A 295 -14.02 28.89 -10.06
N VAL A 296 -12.71 28.93 -10.29
CA VAL A 296 -12.05 27.98 -11.19
C VAL A 296 -11.33 26.79 -10.55
N GLY A 297 -11.50 25.62 -11.18
CA GLY A 297 -10.88 24.40 -10.69
C GLY A 297 -10.06 23.67 -11.73
N ALA A 298 -9.65 22.45 -11.39
CA ALA A 298 -8.83 21.60 -12.27
C ALA A 298 -9.42 21.38 -13.65
N GLY A 299 -10.74 21.47 -13.77
CA GLY A 299 -11.39 21.25 -15.04
C GLY A 299 -10.86 22.11 -16.17
N ILE A 300 -10.50 23.36 -15.86
CA ILE A 300 -10.00 24.30 -16.87
C ILE A 300 -8.64 23.86 -17.40
N LEU A 301 -7.93 23.05 -16.63
CA LEU A 301 -6.61 22.56 -17.03
C LEU A 301 -6.66 21.31 -17.91
N ASN A 302 -7.85 20.78 -18.14
CA ASN A 302 -7.97 19.59 -18.97
C ASN A 302 -8.02 19.88 -20.46
N HIS A 303 -7.80 21.15 -20.81
CA HIS A 303 -7.78 21.57 -22.20
C HIS A 303 -6.61 22.54 -22.38
N ALA A 304 -5.83 22.35 -23.44
CA ALA A 304 -4.67 23.20 -23.70
C ALA A 304 -5.02 24.68 -23.76
N ASP A 305 -6.24 25.00 -24.21
CA ASP A 305 -6.67 26.40 -24.31
C ASP A 305 -7.43 26.89 -23.10
N GLY A 306 -7.57 26.05 -22.08
CA GLY A 306 -8.29 26.43 -20.89
C GLY A 306 -7.88 27.75 -20.28
N PRO A 307 -6.66 27.85 -19.74
CA PRO A 307 -6.22 29.11 -19.13
C PRO A 307 -6.29 30.31 -20.07
N ARG A 308 -6.09 30.09 -21.36
CA ARG A 308 -6.14 31.19 -22.33
C ARG A 308 -7.55 31.78 -22.38
N LEU A 309 -8.54 30.92 -22.54
CA LEU A 309 -9.93 31.38 -22.61
C LEU A 309 -10.41 31.91 -21.27
N LEU A 310 -9.86 31.39 -20.19
CA LEU A 310 -10.23 31.85 -18.85
C LEU A 310 -9.79 33.29 -18.70
N LYS A 311 -8.56 33.56 -19.11
CA LYS A 311 -7.99 34.89 -19.05
C LYS A 311 -8.79 35.84 -19.94
N GLU A 312 -9.18 35.34 -21.12
CA GLU A 312 -9.95 36.12 -22.06
C GLU A 312 -11.27 36.57 -21.45
N LEU A 313 -12.01 35.62 -20.86
CA LEU A 313 -13.28 35.93 -20.23
C LEU A 313 -13.10 36.88 -19.05
N SER A 314 -12.09 36.63 -18.23
CA SER A 314 -11.81 37.47 -17.08
C SER A 314 -11.56 38.91 -17.52
N ASP A 315 -10.76 39.07 -18.56
CA ASP A 315 -10.44 40.40 -19.10
C ASP A 315 -11.65 41.06 -19.73
N ARG A 316 -12.34 40.32 -20.60
CA ARG A 316 -13.52 40.84 -21.29
C ARG A 316 -14.59 41.37 -20.33
N ALA A 317 -15.02 40.55 -19.39
CA ALA A 317 -16.06 40.95 -18.43
C ALA A 317 -15.51 41.50 -17.12
N GLN A 318 -14.20 41.68 -17.05
CA GLN A 318 -13.56 42.18 -15.83
C GLN A 318 -14.06 41.45 -14.59
N ILE A 319 -13.87 40.13 -14.58
CA ILE A 319 -14.31 39.32 -13.44
C ILE A 319 -13.13 38.77 -12.65
N PRO A 320 -13.11 39.01 -11.33
CA PRO A 320 -12.01 38.51 -10.50
C PRO A 320 -12.02 36.98 -10.48
N VAL A 321 -10.84 36.38 -10.43
CA VAL A 321 -10.74 34.92 -10.44
C VAL A 321 -10.08 34.29 -9.21
N THR A 322 -10.78 33.34 -8.61
CA THR A 322 -10.24 32.61 -7.47
C THR A 322 -10.17 31.15 -7.90
N THR A 323 -9.13 30.45 -7.49
CA THR A 323 -8.98 29.05 -7.85
C THR A 323 -8.88 28.13 -6.64
N THR A 324 -9.24 26.87 -6.85
CA THR A 324 -9.15 25.87 -5.81
C THR A 324 -7.68 25.45 -5.79
N LEU A 325 -7.34 24.53 -4.91
CA LEU A 325 -5.98 24.02 -4.81
C LEU A 325 -5.56 23.41 -6.15
N GLN A 326 -6.46 22.65 -6.75
CA GLN A 326 -6.18 21.98 -8.01
C GLN A 326 -6.29 22.90 -9.22
N GLY A 327 -6.72 24.14 -9.00
CA GLY A 327 -6.85 25.09 -10.09
C GLY A 327 -5.62 25.99 -10.16
N LEU A 328 -4.84 26.02 -9.09
CA LEU A 328 -3.66 26.85 -9.04
C LEU A 328 -2.79 26.65 -10.27
N GLY A 329 -2.41 27.74 -10.92
CA GLY A 329 -1.60 27.67 -12.12
C GLY A 329 -2.39 27.96 -13.38
N SER A 330 -3.71 27.87 -13.29
CA SER A 330 -4.57 28.12 -14.44
C SER A 330 -4.80 29.62 -14.66
N PHE A 331 -4.45 30.42 -13.67
CA PHE A 331 -4.62 31.87 -13.75
C PHE A 331 -3.37 32.58 -13.23
N ASP A 332 -2.93 33.62 -13.93
CA ASP A 332 -1.74 34.35 -13.52
C ASP A 332 -2.03 35.11 -12.23
N GLN A 333 -1.37 34.71 -11.14
CA GLN A 333 -1.59 35.37 -9.85
C GLN A 333 -0.98 36.77 -9.80
N GLU A 334 -0.21 37.13 -10.83
CA GLU A 334 0.39 38.46 -10.90
C GLU A 334 -0.65 39.46 -11.39
N ASP A 335 -1.71 38.95 -12.01
CA ASP A 335 -2.77 39.80 -12.52
C ASP A 335 -3.62 40.37 -11.40
N PRO A 336 -3.94 41.67 -11.48
CA PRO A 336 -4.75 42.37 -10.48
C PRO A 336 -6.09 41.71 -10.19
N LYS A 337 -6.63 40.98 -11.17
CA LYS A 337 -7.91 40.32 -11.00
C LYS A 337 -7.84 38.97 -10.29
N SER A 338 -6.66 38.58 -9.84
CA SER A 338 -6.48 37.32 -9.14
C SER A 338 -6.87 37.42 -7.67
N LEU A 339 -7.76 36.55 -7.22
CA LEU A 339 -8.20 36.54 -5.83
C LEU A 339 -7.41 35.50 -5.03
N ASP A 340 -6.59 34.72 -5.73
CA ASP A 340 -5.79 33.66 -5.12
C ASP A 340 -6.69 32.48 -4.78
N MET A 341 -6.25 31.61 -3.86
CA MET A 341 -7.02 30.43 -3.49
C MET A 341 -8.12 30.64 -2.46
N LEU A 342 -9.21 29.89 -2.60
CA LEU A 342 -10.33 29.98 -1.67
C LEU A 342 -10.44 28.67 -0.88
N GLY A 343 -11.37 28.62 0.06
CA GLY A 343 -11.57 27.40 0.83
C GLY A 343 -11.12 27.39 2.28
N MET A 344 -11.03 26.19 2.83
CA MET A 344 -10.62 25.97 4.21
C MET A 344 -9.39 26.79 4.62
N HIS A 345 -8.38 26.79 3.76
CA HIS A 345 -7.16 27.54 4.03
C HIS A 345 -6.86 28.59 2.95
N GLY A 346 -7.91 29.04 2.26
CA GLY A 346 -7.74 30.05 1.23
C GLY A 346 -7.62 31.40 1.90
N CYS A 347 -7.26 32.44 1.14
CA CYS A 347 -7.12 33.77 1.73
C CYS A 347 -8.50 34.38 2.00
N ALA A 348 -8.53 35.36 2.89
CA ALA A 348 -9.78 36.02 3.25
C ALA A 348 -10.46 36.67 2.05
N THR A 349 -9.69 37.38 1.26
CA THR A 349 -10.23 38.07 0.08
C THR A 349 -11.04 37.12 -0.80
N ALA A 350 -10.45 35.99 -1.17
CA ALA A 350 -11.12 35.01 -2.00
C ALA A 350 -12.41 34.50 -1.37
N ASN A 351 -12.36 34.16 -0.08
CA ASN A 351 -13.54 33.67 0.60
C ASN A 351 -14.63 34.72 0.77
N LEU A 352 -14.24 35.95 1.09
CA LEU A 352 -15.19 37.03 1.27
C LEU A 352 -15.88 37.38 -0.04
N ALA A 353 -15.09 37.46 -1.12
CA ALA A 353 -15.64 37.77 -2.42
C ALA A 353 -16.69 36.74 -2.81
N VAL A 354 -16.43 35.48 -2.49
CA VAL A 354 -17.35 34.39 -2.80
C VAL A 354 -18.63 34.48 -1.98
N GLN A 355 -18.51 34.96 -0.75
CA GLN A 355 -19.66 35.10 0.13
C GLN A 355 -20.52 36.33 -0.19
N ASN A 356 -19.90 37.32 -0.82
CA ASN A 356 -20.61 38.56 -1.17
C ASN A 356 -20.95 38.68 -2.65
N ALA A 357 -20.55 37.69 -3.45
CA ALA A 357 -20.82 37.72 -4.87
C ALA A 357 -22.29 37.45 -5.18
N ASP A 358 -22.83 38.15 -6.18
CA ASP A 358 -24.21 37.95 -6.56
C ASP A 358 -24.27 36.84 -7.61
N LEU A 359 -23.14 36.61 -8.26
CA LEU A 359 -23.04 35.57 -9.28
C LEU A 359 -21.71 34.83 -9.19
N ILE A 360 -21.79 33.51 -9.03
CA ILE A 360 -20.60 32.69 -8.96
C ILE A 360 -20.52 31.86 -10.23
N ILE A 361 -19.44 32.05 -10.98
CA ILE A 361 -19.23 31.33 -12.22
C ILE A 361 -18.23 30.20 -11.97
N ALA A 362 -18.75 29.02 -11.64
CA ALA A 362 -17.93 27.84 -11.35
C ALA A 362 -17.46 27.17 -12.63
N VAL A 363 -16.14 27.13 -12.82
CA VAL A 363 -15.55 26.53 -14.00
C VAL A 363 -14.65 25.35 -13.67
N GLY A 364 -15.10 24.15 -14.01
CA GLY A 364 -14.31 22.96 -13.72
C GLY A 364 -13.94 22.78 -12.26
N ALA A 365 -14.92 22.93 -11.38
CA ALA A 365 -14.71 22.78 -9.94
C ALA A 365 -15.91 22.02 -9.38
N ARG A 366 -15.68 21.10 -8.44
CA ARG A 366 -16.77 20.30 -7.89
C ARG A 366 -17.34 20.68 -6.52
N PHE A 367 -17.06 21.89 -6.04
CA PHE A 367 -17.57 22.34 -4.75
C PHE A 367 -17.32 21.30 -3.64
N ASP A 368 -16.09 20.81 -3.51
CA ASP A 368 -15.81 19.82 -2.48
C ASP A 368 -15.90 20.44 -1.08
N ASP A 369 -15.88 19.60 -0.04
CA ASP A 369 -15.99 20.10 1.32
C ASP A 369 -14.79 20.84 1.87
N ARG A 370 -13.70 20.92 1.10
CA ARG A 370 -12.52 21.66 1.53
C ARG A 370 -12.61 23.11 1.02
N VAL A 371 -13.58 23.35 0.14
CA VAL A 371 -13.78 24.67 -0.46
C VAL A 371 -15.02 25.41 0.00
N THR A 372 -16.16 24.73 0.00
CA THR A 372 -17.43 25.34 0.36
C THR A 372 -17.60 25.75 1.81
N GLY A 373 -16.91 25.08 2.72
CA GLY A 373 -17.06 25.39 4.13
C GLY A 373 -18.46 24.91 4.50
N ASN A 374 -19.06 25.46 5.54
CA ASN A 374 -20.41 25.06 5.94
C ASN A 374 -21.34 25.29 4.75
N ILE A 375 -21.74 24.21 4.08
CA ILE A 375 -22.59 24.28 2.89
C ILE A 375 -23.81 25.20 3.00
N SER A 376 -24.51 25.15 4.12
CA SER A 376 -25.70 25.97 4.31
C SER A 376 -25.36 27.45 4.36
N LYS A 377 -24.11 27.77 4.68
CA LYS A 377 -23.67 29.16 4.77
C LYS A 377 -22.92 29.61 3.52
N PHE A 378 -22.68 28.67 2.61
CA PHE A 378 -21.95 28.95 1.39
C PHE A 378 -22.69 29.87 0.41
N ALA A 379 -21.96 30.86 -0.11
CA ALA A 379 -22.49 31.82 -1.08
C ALA A 379 -23.88 32.35 -0.73
N PRO A 380 -24.00 33.10 0.38
CA PRO A 380 -25.28 33.66 0.81
C PRO A 380 -25.85 34.72 -0.15
N GLU A 381 -24.98 35.58 -0.68
CA GLU A 381 -25.42 36.61 -1.61
C GLU A 381 -25.86 36.04 -2.95
N ALA A 382 -25.18 34.99 -3.41
CA ALA A 382 -25.52 34.36 -4.67
C ALA A 382 -26.91 33.73 -4.55
N ARG A 383 -27.22 33.19 -3.38
CA ARG A 383 -28.52 32.57 -3.14
C ARG A 383 -29.61 33.63 -3.14
N ARG A 384 -29.28 34.81 -2.60
CA ARG A 384 -30.24 35.91 -2.53
C ARG A 384 -30.48 36.44 -3.94
N ALA A 385 -29.41 36.52 -4.72
CA ALA A 385 -29.51 37.01 -6.10
C ALA A 385 -30.31 36.00 -6.93
N ALA A 386 -30.22 34.73 -6.56
CA ALA A 386 -30.94 33.68 -7.26
C ALA A 386 -32.43 33.79 -6.98
N ALA A 387 -32.76 34.08 -5.73
CA ALA A 387 -34.16 34.22 -5.32
C ALA A 387 -34.78 35.44 -5.99
N GLU A 388 -33.94 36.39 -6.38
CA GLU A 388 -34.40 37.60 -7.04
C GLU A 388 -34.16 37.56 -8.55
N GLY A 389 -33.81 36.38 -9.05
CA GLY A 389 -33.56 36.20 -10.47
C GLY A 389 -32.59 37.20 -11.08
N ARG A 390 -31.59 37.61 -10.33
CA ARG A 390 -30.60 38.56 -10.83
C ARG A 390 -29.18 38.04 -10.67
N GLY A 391 -29.06 36.76 -10.29
CA GLY A 391 -27.76 36.15 -10.11
C GLY A 391 -27.86 34.70 -9.67
N GLY A 392 -26.85 34.24 -8.96
CA GLY A 392 -26.85 32.86 -8.48
C GLY A 392 -25.57 32.11 -8.81
N ILE A 393 -25.72 30.87 -9.28
CA ILE A 393 -24.57 30.05 -9.63
C ILE A 393 -24.65 29.43 -11.03
N ILE A 394 -23.58 29.62 -11.81
CA ILE A 394 -23.49 29.06 -13.15
C ILE A 394 -22.39 27.99 -13.05
N HIS A 395 -22.68 26.79 -13.53
CA HIS A 395 -21.70 25.71 -13.43
C HIS A 395 -21.30 25.02 -14.73
N PHE A 396 -20.05 25.24 -15.15
CA PHE A 396 -19.54 24.60 -16.35
C PHE A 396 -18.96 23.27 -15.85
N GLU A 397 -19.71 22.19 -16.05
CA GLU A 397 -19.32 20.86 -15.59
C GLU A 397 -19.45 19.78 -16.67
N VAL A 398 -18.44 18.93 -16.79
CA VAL A 398 -18.44 17.87 -17.79
C VAL A 398 -19.19 16.61 -17.34
N SER A 399 -19.26 16.41 -16.03
CA SER A 399 -19.94 15.24 -15.48
C SER A 399 -21.30 15.60 -14.90
N PRO A 400 -22.38 15.12 -15.51
CA PRO A 400 -23.75 15.40 -15.03
C PRO A 400 -23.94 15.05 -13.56
N LYS A 401 -23.27 13.99 -13.12
CA LYS A 401 -23.38 13.55 -11.72
C LYS A 401 -22.84 14.59 -10.74
N ASN A 402 -21.99 15.50 -11.21
CA ASN A 402 -21.45 16.53 -10.33
C ASN A 402 -22.21 17.85 -10.41
N ILE A 403 -23.31 17.86 -11.13
CA ILE A 403 -24.13 19.07 -11.27
C ILE A 403 -25.28 18.98 -10.27
N ASN A 404 -25.41 20.00 -9.42
CA ASN A 404 -26.46 20.02 -8.41
C ASN A 404 -26.26 18.90 -7.39
N LYS A 405 -25.02 18.44 -7.25
CA LYS A 405 -24.70 17.38 -6.30
C LYS A 405 -24.54 17.93 -4.90
N VAL A 406 -23.86 19.08 -4.80
CA VAL A 406 -23.60 19.71 -3.51
C VAL A 406 -24.54 20.89 -3.25
N VAL A 407 -24.61 21.80 -4.22
CA VAL A 407 -25.48 22.97 -4.09
C VAL A 407 -26.30 23.17 -5.36
N GLN A 408 -27.53 23.66 -5.19
CA GLN A 408 -28.42 23.88 -6.33
C GLN A 408 -27.92 25.06 -7.17
N THR A 409 -27.81 24.85 -8.47
CA THR A 409 -27.33 25.89 -9.38
C THR A 409 -28.48 26.44 -10.22
N GLN A 410 -28.29 27.62 -10.79
CA GLN A 410 -29.31 28.25 -11.61
C GLN A 410 -29.14 27.86 -13.08
N ILE A 411 -27.90 27.84 -13.55
CA ILE A 411 -27.61 27.48 -14.93
C ILE A 411 -26.49 26.44 -14.99
N ALA A 412 -26.74 25.37 -15.72
CA ALA A 412 -25.74 24.30 -15.88
C ALA A 412 -25.33 24.17 -17.34
N VAL A 413 -24.03 24.30 -17.59
CA VAL A 413 -23.50 24.17 -18.94
C VAL A 413 -22.69 22.86 -18.99
N GLU A 414 -23.31 21.81 -19.51
CA GLU A 414 -22.66 20.51 -19.61
C GLU A 414 -21.65 20.41 -20.73
N GLY A 415 -20.56 19.67 -20.47
CA GLY A 415 -19.52 19.48 -21.48
C GLY A 415 -18.20 20.08 -21.04
N ASP A 416 -17.23 20.05 -21.95
CA ASP A 416 -15.91 20.59 -21.68
C ASP A 416 -16.03 22.10 -21.39
N ALA A 417 -15.41 22.54 -20.31
CA ALA A 417 -15.46 23.94 -19.91
C ALA A 417 -14.83 24.88 -20.94
N THR A 418 -13.59 24.59 -21.31
CA THR A 418 -12.88 25.41 -22.28
C THR A 418 -13.70 25.58 -23.55
N THR A 419 -14.17 24.46 -24.08
CA THR A 419 -14.97 24.47 -25.30
C THR A 419 -16.19 25.38 -25.19
N ASN A 420 -16.96 25.20 -24.12
CA ASN A 420 -18.15 26.00 -23.92
C ASN A 420 -17.86 27.46 -23.61
N LEU A 421 -16.71 27.74 -23.04
CA LEU A 421 -16.35 29.13 -22.74
C LEU A 421 -16.08 29.85 -24.06
N GLY A 422 -15.51 29.13 -25.03
CA GLY A 422 -15.21 29.73 -26.32
C GLY A 422 -16.49 30.08 -27.07
N LYS A 423 -17.50 29.23 -26.95
CA LYS A 423 -18.78 29.45 -27.62
C LYS A 423 -19.57 30.59 -27.00
N MET A 424 -19.36 30.82 -25.70
CA MET A 424 -20.08 31.88 -25.00
C MET A 424 -19.39 33.23 -25.09
N MET A 425 -18.09 33.22 -25.34
CA MET A 425 -17.31 34.44 -25.41
C MET A 425 -17.98 35.63 -26.10
N SER A 426 -18.32 35.45 -27.38
CA SER A 426 -18.95 36.51 -28.16
C SER A 426 -20.23 37.07 -27.54
N LYS A 427 -20.96 36.23 -26.82
CA LYS A 427 -22.22 36.64 -26.18
C LYS A 427 -21.97 37.49 -24.94
N ILE A 428 -20.71 37.60 -24.54
CA ILE A 428 -20.35 38.37 -23.34
C ILE A 428 -20.06 39.83 -23.71
N PHE A 429 -20.67 40.75 -22.96
CA PHE A 429 -20.48 42.17 -23.20
C PHE A 429 -19.22 42.68 -22.52
N PRO A 430 -18.34 43.37 -23.27
CA PRO A 430 -17.11 43.91 -22.71
C PRO A 430 -17.39 44.91 -21.58
N VAL A 431 -16.98 44.56 -20.36
CA VAL A 431 -17.20 45.44 -19.21
C VAL A 431 -16.09 46.47 -19.09
N LYS A 432 -16.48 47.74 -19.01
CA LYS A 432 -15.52 48.83 -18.89
C LYS A 432 -14.69 48.68 -17.62
N GLU A 433 -15.38 48.65 -16.49
CA GLU A 433 -14.75 48.51 -15.18
C GLU A 433 -15.77 48.24 -14.09
N ARG A 434 -15.30 47.84 -12.92
CA ARG A 434 -16.15 47.56 -11.78
C ARG A 434 -15.55 48.24 -10.56
N SER A 435 -15.64 49.57 -10.53
CA SER A 435 -15.09 50.37 -9.45
C SER A 435 -15.43 49.87 -8.05
N GLU A 436 -16.72 49.78 -7.73
CA GLU A 436 -17.15 49.33 -6.42
C GLU A 436 -16.66 47.93 -6.07
N TRP A 437 -16.92 46.97 -6.97
CA TRP A 437 -16.52 45.58 -6.73
C TRP A 437 -15.02 45.49 -6.46
N PHE A 438 -14.21 46.04 -7.37
CA PHE A 438 -12.76 45.99 -7.22
C PHE A 438 -12.26 46.80 -6.03
N ALA A 439 -13.01 47.82 -5.63
CA ALA A 439 -12.62 48.65 -4.50
C ALA A 439 -12.75 47.83 -3.22
N GLN A 440 -13.89 47.16 -3.08
CA GLN A 440 -14.14 46.32 -1.91
C GLN A 440 -13.11 45.19 -1.84
N ILE A 441 -12.85 44.58 -3.00
CA ILE A 441 -11.89 43.49 -3.10
C ILE A 441 -10.48 43.93 -2.71
N ASN A 442 -10.05 45.09 -3.19
CA ASN A 442 -8.73 45.60 -2.87
C ASN A 442 -8.63 45.98 -1.39
N LYS A 443 -9.75 46.38 -0.80
CA LYS A 443 -9.76 46.75 0.60
C LYS A 443 -9.39 45.49 1.39
N TRP A 444 -10.04 44.38 1.04
CA TRP A 444 -9.80 43.11 1.70
C TRP A 444 -8.36 42.64 1.53
N LYS A 445 -7.81 42.78 0.33
CA LYS A 445 -6.44 42.37 0.06
C LYS A 445 -5.40 43.09 0.91
N LYS A 446 -5.63 44.38 1.13
CA LYS A 446 -4.70 45.18 1.92
C LYS A 446 -4.80 44.86 3.42
N GLU A 447 -5.99 44.46 3.86
CA GLU A 447 -6.19 44.15 5.27
C GLU A 447 -6.10 42.67 5.61
N TYR A 448 -6.24 41.80 4.61
CA TYR A 448 -6.20 40.35 4.86
C TYR A 448 -5.20 39.55 4.05
N PRO A 449 -3.90 39.88 4.17
CA PRO A 449 -2.87 39.13 3.43
C PRO A 449 -2.48 37.87 4.20
N TYR A 450 -1.77 36.95 3.53
CA TYR A 450 -1.32 35.72 4.18
C TYR A 450 -0.31 36.06 5.27
N ALA A 451 -0.80 36.56 6.40
CA ALA A 451 0.07 36.93 7.51
C ALA A 451 0.49 35.74 8.37
N TYR A 452 1.63 35.87 9.03
CA TYR A 452 2.16 34.83 9.89
C TYR A 452 3.32 35.40 10.71
N MET A 453 3.70 34.68 11.76
CA MET A 453 4.80 35.13 12.62
C MET A 453 6.14 35.01 11.89
N GLU A 454 6.73 36.14 11.54
CA GLU A 454 8.02 36.15 10.83
C GLU A 454 9.18 35.87 11.77
N GLU A 455 10.33 35.53 11.18
CA GLU A 455 11.52 35.23 11.95
C GLU A 455 12.03 36.43 12.76
N THR A 456 12.46 36.15 13.99
CA THR A 456 13.01 37.16 14.87
C THR A 456 14.42 36.69 15.21
N PRO A 457 15.32 37.62 15.57
CA PRO A 457 16.71 37.26 15.91
C PRO A 457 16.80 36.07 16.86
N GLY A 458 17.45 35.00 16.40
CA GLY A 458 17.61 33.83 17.24
C GLY A 458 16.53 32.77 17.14
N SER A 459 15.40 33.11 16.52
CA SER A 459 14.31 32.14 16.38
C SER A 459 14.61 31.18 15.23
N LYS A 460 13.83 30.10 15.16
CA LYS A 460 14.02 29.11 14.10
C LYS A 460 13.44 29.66 12.81
N ILE A 461 13.73 29.00 11.70
CA ILE A 461 13.23 29.40 10.39
C ILE A 461 11.72 29.13 10.30
N LYS A 462 10.99 30.06 9.69
CA LYS A 462 9.54 29.90 9.54
C LYS A 462 9.29 29.21 8.20
N PRO A 463 8.39 28.20 8.19
CA PRO A 463 8.08 27.48 6.95
C PRO A 463 7.55 28.36 5.82
N GLN A 464 6.68 29.32 6.17
CA GLN A 464 6.12 30.22 5.16
C GLN A 464 7.23 30.99 4.46
N THR A 465 8.20 31.46 5.24
CA THR A 465 9.32 32.22 4.70
C THR A 465 10.13 31.39 3.70
N VAL A 466 10.28 30.10 4.00
CA VAL A 466 11.04 29.21 3.13
C VAL A 466 10.38 29.11 1.75
N ILE A 467 9.05 29.03 1.73
CA ILE A 467 8.31 28.92 0.48
C ILE A 467 8.45 30.18 -0.37
N LYS A 468 8.31 31.34 0.27
CA LYS A 468 8.42 32.61 -0.44
C LYS A 468 9.81 32.78 -1.03
N LYS A 469 10.84 32.44 -0.26
CA LYS A 469 12.20 32.56 -0.75
C LYS A 469 12.48 31.59 -1.89
N LEU A 470 12.11 30.32 -1.69
CA LEU A 470 12.33 29.31 -2.73
C LEU A 470 11.59 29.68 -4.01
N SER A 471 10.38 30.21 -3.86
CA SER A 471 9.59 30.60 -5.02
C SER A 471 10.37 31.57 -5.91
N LYS A 472 11.03 32.54 -5.29
CA LYS A 472 11.80 33.53 -6.04
C LYS A 472 13.07 32.93 -6.61
N VAL A 473 13.82 32.22 -5.76
CA VAL A 473 15.05 31.59 -6.19
C VAL A 473 14.83 30.67 -7.39
N ALA A 474 13.74 29.91 -7.34
CA ALA A 474 13.39 29.00 -8.43
C ALA A 474 13.07 29.77 -9.69
N ASN A 475 12.26 30.82 -9.57
CA ASN A 475 11.89 31.63 -10.72
C ASN A 475 13.11 32.28 -11.37
N ASP A 476 14.05 32.73 -10.55
CA ASP A 476 15.24 33.40 -11.07
C ASP A 476 16.18 32.49 -11.86
N THR A 477 15.87 31.20 -11.92
CA THR A 477 16.68 30.26 -12.70
C THR A 477 16.28 30.38 -14.15
N GLY A 478 15.10 30.94 -14.39
CA GLY A 478 14.61 31.10 -15.75
C GLY A 478 14.11 29.81 -16.36
N ARG A 479 14.26 28.71 -15.62
CA ARG A 479 13.83 27.40 -16.11
C ARG A 479 12.36 27.17 -15.87
N HIS A 480 11.79 26.19 -16.57
CA HIS A 480 10.38 25.86 -16.35
C HIS A 480 10.37 25.11 -15.02
N VAL A 481 9.54 25.56 -14.09
CA VAL A 481 9.49 24.95 -12.77
C VAL A 481 8.18 24.21 -12.48
N ILE A 482 8.31 23.00 -11.96
CA ILE A 482 7.16 22.18 -11.60
C ILE A 482 7.27 21.82 -10.13
N VAL A 483 6.16 21.97 -9.41
CA VAL A 483 6.15 21.68 -7.98
C VAL A 483 5.18 20.59 -7.58
N THR A 484 5.66 19.65 -6.76
CA THR A 484 4.83 18.58 -6.21
C THR A 484 4.93 18.77 -4.70
N THR A 485 4.08 18.10 -3.93
CA THR A 485 4.14 18.24 -2.48
C THR A 485 3.64 16.97 -1.80
N GLY A 486 3.82 16.94 -0.48
CA GLY A 486 3.32 15.82 0.30
C GLY A 486 1.95 16.31 0.73
N VAL A 487 1.51 15.89 1.92
CA VAL A 487 0.20 16.32 2.40
C VAL A 487 0.31 16.86 3.81
N GLY A 488 -0.28 18.03 4.03
CA GLY A 488 -0.23 18.65 5.35
C GLY A 488 -0.04 20.15 5.27
N GLN A 489 0.50 20.73 6.33
CA GLN A 489 0.73 22.17 6.39
C GLN A 489 1.65 22.66 5.27
N HIS A 490 2.80 22.02 5.14
CA HIS A 490 3.78 22.39 4.11
C HIS A 490 3.10 22.47 2.75
N GLN A 491 2.09 21.61 2.55
CA GLN A 491 1.34 21.59 1.29
C GLN A 491 0.49 22.85 1.13
N MET A 492 -0.14 23.27 2.23
CA MET A 492 -0.98 24.46 2.21
C MET A 492 -0.11 25.71 2.07
N TRP A 493 1.00 25.74 2.81
CA TRP A 493 1.91 26.88 2.74
C TRP A 493 2.49 27.02 1.35
N ALA A 494 2.73 25.89 0.69
CA ALA A 494 3.27 25.92 -0.66
C ALA A 494 2.24 26.54 -1.59
N ALA A 495 0.98 26.12 -1.43
CA ALA A 495 -0.12 26.62 -2.24
C ALA A 495 -0.34 28.13 -2.06
N GLN A 496 -0.32 28.59 -0.82
CA GLN A 496 -0.55 30.00 -0.50
C GLN A 496 0.58 30.95 -0.88
N HIS A 497 1.78 30.64 -0.40
CA HIS A 497 2.93 31.50 -0.59
C HIS A 497 3.74 31.42 -1.88
N TRP A 498 3.42 30.48 -2.75
CA TRP A 498 4.14 30.38 -4.01
C TRP A 498 3.37 31.25 -5.01
N THR A 499 4.05 31.77 -6.04
CA THR A 499 3.39 32.60 -7.03
C THR A 499 3.12 31.79 -8.29
N TRP A 500 1.88 31.32 -8.41
CA TRP A 500 1.48 30.50 -9.54
C TRP A 500 1.15 31.33 -10.78
N ARG A 501 1.69 30.93 -11.92
CA ARG A 501 1.46 31.65 -13.17
C ARG A 501 1.36 30.73 -14.37
N ASN A 502 1.91 29.52 -14.24
CA ASN A 502 1.91 28.57 -15.35
C ASN A 502 1.08 27.33 -15.07
N PRO A 503 0.20 26.97 -16.02
CA PRO A 503 -0.64 25.78 -15.86
C PRO A 503 0.18 24.48 -15.85
N HIS A 504 -0.33 23.49 -15.12
CA HIS A 504 0.33 22.19 -15.01
C HIS A 504 1.69 22.30 -14.33
N THR A 505 1.78 23.16 -13.33
CA THR A 505 3.04 23.33 -12.60
C THR A 505 2.87 23.03 -11.11
N PHE A 506 1.66 22.68 -10.70
CA PHE A 506 1.40 22.34 -9.31
C PHE A 506 0.74 20.97 -9.29
N ILE A 507 1.49 19.97 -8.82
CA ILE A 507 1.00 18.60 -8.77
C ILE A 507 0.93 18.15 -7.32
N THR A 508 -0.27 18.16 -6.77
CA THR A 508 -0.49 17.80 -5.37
C THR A 508 -1.74 16.91 -5.22
N SER A 509 -1.77 16.11 -4.15
CA SER A 509 -2.89 15.22 -3.87
C SER A 509 -3.94 15.96 -3.06
N GLY A 510 -5.08 16.25 -3.67
CA GLY A 510 -6.12 16.99 -2.98
C GLY A 510 -7.34 16.23 -2.51
N GLY A 511 -7.93 15.45 -3.40
CA GLY A 511 -9.12 14.70 -3.04
C GLY A 511 -8.89 13.66 -1.95
N LEU A 512 -7.99 12.72 -2.23
CA LEU A 512 -7.68 11.67 -1.26
C LEU A 512 -6.66 12.17 -0.26
N GLY A 513 -5.77 13.06 -0.70
CA GLY A 513 -4.75 13.59 0.19
C GLY A 513 -3.81 12.50 0.70
N THR A 514 -3.09 11.88 -0.23
CA THR A 514 -2.17 10.80 0.09
C THR A 514 -0.76 11.25 0.50
N MET A 515 -0.44 11.08 1.77
CA MET A 515 0.90 11.42 2.26
C MET A 515 1.87 10.50 1.52
N GLY A 516 3.02 11.03 1.12
CA GLY A 516 4.00 10.21 0.40
C GLY A 516 3.92 10.40 -1.11
N TYR A 517 2.97 11.23 -1.53
CA TYR A 517 2.75 11.53 -2.93
C TYR A 517 3.91 12.32 -3.55
N GLY A 518 4.42 13.28 -2.78
CA GLY A 518 5.49 14.15 -3.23
C GLY A 518 6.63 13.62 -4.08
N LEU A 519 7.44 12.74 -3.49
CA LEU A 519 8.59 12.17 -4.19
C LEU A 519 8.26 11.40 -5.47
N PRO A 520 7.43 10.33 -5.38
CA PRO A 520 7.12 9.60 -6.59
C PRO A 520 6.45 10.46 -7.67
N ALA A 521 5.63 11.42 -7.26
CA ALA A 521 4.96 12.31 -8.21
C ALA A 521 6.00 13.16 -8.93
N ALA A 522 6.98 13.66 -8.17
CA ALA A 522 8.03 14.50 -8.74
C ALA A 522 8.80 13.69 -9.78
N ILE A 523 9.20 12.48 -9.42
CA ILE A 523 9.95 11.61 -10.32
C ILE A 523 9.15 11.43 -11.61
N GLY A 524 7.85 11.16 -11.48
CA GLY A 524 7.01 10.98 -12.65
C GLY A 524 6.95 12.24 -13.48
N ALA A 525 6.80 13.38 -12.82
CA ALA A 525 6.73 14.66 -13.51
C ALA A 525 8.04 14.92 -14.25
N GLN A 526 9.17 14.63 -13.61
CA GLN A 526 10.47 14.85 -14.22
C GLN A 526 10.62 14.00 -15.48
N VAL A 527 10.05 12.80 -15.46
CA VAL A 527 10.12 11.91 -16.62
C VAL A 527 9.33 12.54 -17.76
N ALA A 528 8.20 13.15 -17.42
CA ALA A 528 7.34 13.80 -18.41
C ALA A 528 7.98 15.07 -18.97
N LYS A 529 8.68 15.81 -18.12
CA LYS A 529 9.35 17.05 -18.52
C LYS A 529 10.82 16.98 -18.12
N PRO A 530 11.64 16.27 -18.89
CA PRO A 530 13.07 16.12 -18.63
C PRO A 530 13.83 17.41 -18.40
N GLU A 531 13.45 18.46 -19.11
CA GLU A 531 14.13 19.75 -19.00
C GLU A 531 13.67 20.64 -17.84
N SER A 532 12.50 20.37 -17.29
CA SER A 532 11.98 21.19 -16.20
C SER A 532 12.69 20.98 -14.87
N LEU A 533 12.62 21.99 -14.02
CA LEU A 533 13.17 21.94 -12.68
C LEU A 533 12.00 21.44 -11.85
N VAL A 534 12.11 20.24 -11.30
CA VAL A 534 11.04 19.66 -10.51
C VAL A 534 11.38 19.68 -9.03
N ILE A 535 10.53 20.35 -8.25
CA ILE A 535 10.75 20.47 -6.81
C ILE A 535 9.60 19.84 -6.03
N ASP A 536 9.96 19.02 -5.06
CA ASP A 536 8.99 18.38 -4.19
C ASP A 536 9.07 19.05 -2.83
N ILE A 537 8.06 19.85 -2.51
CA ILE A 537 8.00 20.52 -1.21
C ILE A 537 7.27 19.53 -0.33
N ASP A 538 8.04 18.86 0.54
CA ASP A 538 7.51 17.81 1.40
C ASP A 538 7.54 18.08 2.89
N GLY A 539 6.80 17.23 3.61
CA GLY A 539 6.77 17.30 5.06
C GLY A 539 7.56 16.08 5.52
N ASP A 540 8.10 16.11 6.73
CA ASP A 540 8.88 14.98 7.21
C ASP A 540 8.06 13.68 7.30
N ALA A 541 6.86 13.76 7.87
CA ALA A 541 6.02 12.57 7.98
C ALA A 541 5.61 12.03 6.61
N SER A 542 5.20 12.93 5.70
CA SER A 542 4.80 12.50 4.36
C SER A 542 5.96 11.84 3.64
N PHE A 543 7.12 12.45 3.75
CA PHE A 543 8.32 11.93 3.09
C PHE A 543 8.65 10.51 3.55
N ASN A 544 8.56 10.27 4.86
CA ASN A 544 8.84 8.95 5.42
C ASN A 544 8.00 7.84 4.80
N MET A 545 6.80 8.18 4.34
CA MET A 545 5.90 7.19 3.75
C MET A 545 6.46 6.47 2.53
N THR A 546 7.07 7.24 1.63
CA THR A 546 7.60 6.66 0.39
C THR A 546 9.06 6.99 0.08
N LEU A 547 9.85 7.32 1.09
CA LEU A 547 11.24 7.68 0.89
C LEU A 547 12.13 6.63 0.22
N THR A 548 11.66 5.39 0.11
CA THR A 548 12.47 4.36 -0.52
C THR A 548 12.66 4.66 -2.01
N GLU A 549 11.75 5.47 -2.56
CA GLU A 549 11.82 5.81 -3.98
C GLU A 549 12.98 6.75 -4.31
N LEU A 550 13.72 7.18 -3.31
CA LEU A 550 14.86 8.05 -3.55
C LEU A 550 15.83 7.34 -4.48
N SER A 551 16.05 6.05 -4.24
CA SER A 551 16.97 5.28 -5.06
C SER A 551 16.43 5.13 -6.48
N SER A 552 15.10 5.18 -6.62
CA SER A 552 14.45 5.07 -7.91
C SER A 552 14.73 6.32 -8.74
N ALA A 553 14.83 7.46 -8.07
CA ALA A 553 15.12 8.71 -8.76
C ALA A 553 16.48 8.60 -9.43
N VAL A 554 17.42 7.97 -8.74
CA VAL A 554 18.77 7.81 -9.26
C VAL A 554 18.80 6.85 -10.44
N GLN A 555 18.11 5.71 -10.31
CA GLN A 555 18.09 4.73 -11.38
C GLN A 555 17.33 5.25 -12.60
N ALA A 556 16.35 6.11 -12.37
CA ALA A 556 15.56 6.65 -13.47
C ALA A 556 16.21 7.88 -14.11
N GLY A 557 17.26 8.39 -13.48
CA GLY A 557 17.95 9.56 -14.01
C GLY A 557 17.14 10.84 -13.93
N THR A 558 16.34 10.96 -12.88
CA THR A 558 15.51 12.15 -12.68
C THR A 558 16.12 13.00 -11.57
N PRO A 559 16.68 14.16 -11.94
CA PRO A 559 17.32 15.09 -10.99
C PRO A 559 16.34 15.92 -10.18
N VAL A 560 15.40 15.25 -9.51
CA VAL A 560 14.41 15.93 -8.70
C VAL A 560 15.03 16.64 -7.51
N LYS A 561 14.41 17.75 -7.09
CA LYS A 561 14.88 18.53 -5.95
C LYS A 561 13.90 18.28 -4.81
N ILE A 562 14.38 17.59 -3.77
CA ILE A 562 13.53 17.26 -2.64
C ILE A 562 13.73 18.22 -1.48
N LEU A 563 12.68 18.97 -1.14
CA LEU A 563 12.74 19.89 -0.02
C LEU A 563 11.90 19.35 1.13
N ILE A 564 12.50 19.23 2.30
CA ILE A 564 11.77 18.75 3.46
C ILE A 564 11.66 19.81 4.53
N LEU A 565 10.44 20.30 4.76
CA LEU A 565 10.21 21.29 5.80
C LEU A 565 9.99 20.45 7.04
N ASN A 566 11.08 20.26 7.79
CA ASN A 566 11.04 19.41 8.97
C ASN A 566 10.62 20.09 10.27
N ASN A 567 9.40 19.76 10.71
CA ASN A 567 8.87 20.28 11.96
C ASN A 567 8.74 19.11 12.93
N GLU A 568 9.31 17.97 12.55
CA GLU A 568 9.29 16.75 13.35
C GLU A 568 7.92 16.47 13.93
N GLU A 569 6.91 16.48 13.07
CA GLU A 569 5.55 16.24 13.52
C GLU A 569 4.63 16.13 12.32
N GLN A 570 3.46 15.55 12.55
CA GLN A 570 2.44 15.46 11.53
C GLN A 570 1.68 16.75 11.79
N GLY A 571 2.25 17.84 11.28
CA GLY A 571 1.71 19.17 11.46
C GLY A 571 0.23 19.41 11.29
N MET A 572 -0.32 18.98 10.17
CA MET A 572 -1.74 19.20 9.93
C MET A 572 -2.60 18.55 11.01
N VAL A 573 -2.18 17.40 11.52
CA VAL A 573 -2.95 16.73 12.56
C VAL A 573 -2.76 17.39 13.92
N THR A 574 -1.54 17.81 14.24
CA THR A 574 -1.29 18.46 15.51
C THR A 574 -2.02 19.80 15.56
N GLN A 575 -2.22 20.43 14.40
CA GLN A 575 -2.93 21.71 14.37
C GLN A 575 -4.36 21.48 14.82
N TRP A 576 -4.98 20.41 14.32
CA TRP A 576 -6.34 20.08 14.69
C TRP A 576 -6.39 19.65 16.15
N GLN A 577 -5.34 18.98 16.62
CA GLN A 577 -5.29 18.55 18.00
C GLN A 577 -5.14 19.76 18.93
N SER A 578 -4.34 20.74 18.49
CA SER A 578 -4.12 21.95 19.28
C SER A 578 -5.42 22.74 19.40
N LEU A 579 -6.11 22.88 18.27
CA LEU A 579 -7.35 23.64 18.18
C LEU A 579 -8.59 22.94 18.75
N PHE A 580 -8.84 21.70 18.33
CA PHE A 580 -10.03 20.98 18.76
C PHE A 580 -9.89 19.96 19.90
N TYR A 581 -8.66 19.56 20.23
CA TYR A 581 -8.49 18.57 21.30
C TYR A 581 -7.57 18.98 22.44
N GLU A 582 -7.70 20.22 22.87
CA GLU A 582 -6.92 20.74 23.99
C GLU A 582 -5.44 20.38 24.00
N HIS A 583 -4.80 20.46 22.85
CA HIS A 583 -3.37 20.20 22.70
C HIS A 583 -2.91 18.80 23.11
N ARG A 584 -3.77 17.81 22.89
CA ARG A 584 -3.44 16.44 23.22
C ARG A 584 -2.88 15.78 21.96
N TYR A 585 -1.55 15.76 21.88
CA TYR A 585 -0.85 15.18 20.73
C TYR A 585 -0.73 13.67 20.82
N SER A 586 -1.76 13.01 20.32
CA SER A 586 -1.85 11.57 20.35
C SER A 586 -1.19 10.90 19.14
N HIS A 587 0.02 10.41 19.35
CA HIS A 587 0.77 9.70 18.33
C HIS A 587 0.97 10.45 17.02
N THR A 588 1.28 11.74 17.11
CA THR A 588 1.49 12.57 15.92
C THR A 588 2.94 13.04 15.76
N HIS A 589 3.86 12.35 16.43
CA HIS A 589 5.28 12.67 16.36
C HIS A 589 6.12 11.42 16.07
N GLN A 590 6.48 11.22 14.80
CA GLN A 590 7.28 10.06 14.43
C GLN A 590 8.76 10.38 14.53
N LEU A 591 9.55 9.37 14.90
CA LEU A 591 10.99 9.51 15.01
C LEU A 591 11.56 9.52 13.60
N ASN A 592 12.21 10.62 13.23
CA ASN A 592 12.78 10.76 11.90
C ASN A 592 14.19 10.22 11.77
N PRO A 593 14.54 9.73 10.58
CA PRO A 593 15.90 9.21 10.38
C PRO A 593 16.74 10.46 10.01
N ASP A 594 18.05 10.30 9.88
CA ASP A 594 18.89 11.43 9.51
C ASP A 594 18.67 11.58 8.00
N PHE A 595 17.92 12.61 7.61
CA PHE A 595 17.61 12.84 6.20
C PHE A 595 18.80 13.04 5.27
N ILE A 596 19.85 13.69 5.76
CA ILE A 596 21.04 13.93 4.94
C ILE A 596 21.78 12.61 4.72
N LYS A 597 22.02 11.86 5.79
CA LYS A 597 22.70 10.59 5.65
C LYS A 597 21.86 9.64 4.80
N LEU A 598 20.54 9.75 4.93
CA LEU A 598 19.62 8.93 4.15
C LEU A 598 19.80 9.21 2.66
N ALA A 599 19.76 10.50 2.30
CA ALA A 599 19.92 10.91 0.92
C ALA A 599 21.23 10.38 0.35
N GLU A 600 22.31 10.52 1.12
CA GLU A 600 23.61 10.04 0.66
C GLU A 600 23.59 8.53 0.49
N ALA A 601 22.97 7.83 1.43
CA ALA A 601 22.86 6.38 1.36
C ALA A 601 22.11 5.98 0.08
N MET A 602 21.16 6.81 -0.31
CA MET A 602 20.37 6.55 -1.51
C MET A 602 21.05 7.02 -2.79
N GLY A 603 22.22 7.65 -2.66
CA GLY A 603 22.94 8.11 -3.83
C GLY A 603 22.64 9.54 -4.27
N LEU A 604 22.07 10.33 -3.36
CA LEU A 604 21.75 11.73 -3.67
C LEU A 604 22.61 12.66 -2.83
N LYS A 605 22.67 13.94 -3.22
CA LYS A 605 23.42 14.90 -2.45
C LYS A 605 22.47 15.34 -1.34
N GLY A 606 23.01 15.55 -0.14
CA GLY A 606 22.18 15.96 0.97
C GLY A 606 22.62 17.28 1.60
N LEU A 607 21.66 18.19 1.79
CA LEU A 607 21.92 19.49 2.37
C LEU A 607 20.96 19.76 3.52
N ARG A 608 21.43 20.47 4.55
CA ARG A 608 20.61 20.80 5.70
C ARG A 608 20.82 22.25 6.13
N VAL A 609 19.74 22.90 6.57
CA VAL A 609 19.81 24.28 7.03
C VAL A 609 19.10 24.40 8.37
N LYS A 610 19.78 25.01 9.34
CA LYS A 610 19.21 25.20 10.67
C LYS A 610 19.11 26.69 10.99
N LYS A 611 20.09 27.45 10.50
CA LYS A 611 20.16 28.88 10.75
C LYS A 611 19.60 29.77 9.65
N GLN A 612 18.97 30.86 10.06
CA GLN A 612 18.39 31.82 9.13
C GLN A 612 19.42 32.37 8.15
N GLU A 613 20.59 32.73 8.67
CA GLU A 613 21.68 33.30 7.88
C GLU A 613 22.21 32.41 6.77
N GLU A 614 21.86 31.13 6.80
CA GLU A 614 22.33 30.20 5.79
C GLU A 614 21.24 29.77 4.81
N LEU A 615 20.00 30.13 5.10
CA LEU A 615 18.88 29.75 4.26
C LEU A 615 19.02 30.17 2.80
N ASP A 616 19.34 31.43 2.55
CA ASP A 616 19.48 31.93 1.19
C ASP A 616 20.49 31.16 0.35
N ALA A 617 21.68 30.94 0.90
CA ALA A 617 22.74 30.22 0.18
C ALA A 617 22.37 28.76 -0.07
N LYS A 618 21.76 28.12 0.91
CA LYS A 618 21.36 26.73 0.80
C LYS A 618 20.32 26.53 -0.30
N LEU A 619 19.33 27.42 -0.34
CA LEU A 619 18.29 27.32 -1.35
C LEU A 619 18.90 27.47 -2.74
N LYS A 620 19.88 28.37 -2.86
CA LYS A 620 20.55 28.60 -4.14
C LYS A 620 21.32 27.35 -4.58
N GLU A 621 22.12 26.80 -3.67
CA GLU A 621 22.89 25.60 -4.00
C GLU A 621 21.93 24.46 -4.33
N PHE A 622 20.83 24.42 -3.60
CA PHE A 622 19.80 23.40 -3.78
C PHE A 622 19.28 23.36 -5.22
N VAL A 623 18.69 24.47 -5.67
CA VAL A 623 18.14 24.51 -7.02
C VAL A 623 19.20 24.45 -8.12
N SER A 624 20.43 24.88 -7.83
CA SER A 624 21.46 24.88 -8.86
C SER A 624 22.27 23.58 -8.93
N THR A 625 21.94 22.62 -8.06
CA THR A 625 22.63 21.34 -8.05
C THR A 625 22.20 20.62 -9.32
N LYS A 626 23.16 19.92 -9.93
CA LYS A 626 22.94 19.23 -11.21
C LYS A 626 22.02 18.01 -11.10
N GLY A 627 22.42 17.04 -10.29
CA GLY A 627 21.61 15.83 -10.16
C GLY A 627 20.55 15.88 -9.08
N PRO A 628 20.03 14.71 -8.67
CA PRO A 628 18.99 14.70 -7.63
C PRO A 628 19.61 15.21 -6.31
N VAL A 629 18.84 15.96 -5.55
CA VAL A 629 19.35 16.50 -4.31
C VAL A 629 18.26 16.69 -3.28
N LEU A 630 18.61 16.51 -2.02
CA LEU A 630 17.65 16.68 -0.94
C LEU A 630 18.12 17.77 0.02
N LEU A 631 17.23 18.68 0.35
CA LEU A 631 17.54 19.76 1.28
C LEU A 631 16.54 19.74 2.43
N GLU A 632 17.05 19.64 3.64
CA GLU A 632 16.22 19.63 4.84
C GLU A 632 16.34 20.97 5.54
N VAL A 633 15.21 21.60 5.80
CA VAL A 633 15.20 22.87 6.50
C VAL A 633 14.48 22.66 7.83
N GLU A 634 15.18 22.85 8.94
CA GLU A 634 14.54 22.71 10.24
C GLU A 634 13.67 23.95 10.42
N VAL A 635 12.37 23.76 10.51
CA VAL A 635 11.44 24.88 10.66
C VAL A 635 10.77 24.89 12.02
N ASP A 636 10.11 25.99 12.34
CA ASP A 636 9.45 26.12 13.63
C ASP A 636 8.32 25.09 13.76
N LYS A 637 8.11 24.64 15.00
CA LYS A 637 7.09 23.62 15.29
C LYS A 637 5.79 24.21 15.82
N LYS A 638 4.71 23.44 15.66
CA LYS A 638 3.40 23.84 16.13
C LYS A 638 2.98 25.20 15.56
N VAL A 639 3.22 25.38 14.26
CA VAL A 639 2.86 26.62 13.58
C VAL A 639 1.59 26.34 12.77
N PRO A 640 0.47 26.96 13.15
CA PRO A 640 -0.79 26.75 12.43
C PRO A 640 -0.89 27.41 11.05
N VAL A 641 -1.63 26.76 10.17
CA VAL A 641 -1.86 27.27 8.82
C VAL A 641 -3.10 28.15 8.92
N LEU A 642 -2.97 29.42 8.53
CA LEU A 642 -4.10 30.36 8.57
C LEU A 642 -4.17 31.15 7.27
N PRO A 643 -5.36 31.69 6.94
CA PRO A 643 -6.62 31.60 7.69
C PRO A 643 -7.13 30.17 7.74
N MET A 644 -8.23 29.96 8.44
CA MET A 644 -8.80 28.62 8.54
C MET A 644 -10.30 28.63 8.78
N VAL A 645 -11.01 27.81 8.00
CA VAL A 645 -12.45 27.67 8.11
C VAL A 645 -12.72 26.19 8.35
N ALA A 646 -13.25 25.86 9.52
CA ALA A 646 -13.53 24.46 9.85
C ALA A 646 -14.81 24.30 10.65
N GLY A 647 -15.31 23.07 10.70
CA GLY A 647 -16.53 22.79 11.44
C GLY A 647 -17.77 23.35 10.76
N GLY A 648 -18.54 24.13 11.51
CA GLY A 648 -19.75 24.73 10.96
C GLY A 648 -19.54 26.15 10.51
N SER A 649 -18.30 26.62 10.60
CA SER A 649 -17.97 27.99 10.19
C SER A 649 -18.19 28.21 8.70
N GLY A 650 -18.63 29.41 8.34
CA GLY A 650 -18.85 29.73 6.95
C GLY A 650 -17.55 30.28 6.40
N LEU A 651 -17.43 30.38 5.09
CA LEU A 651 -16.20 30.88 4.47
C LEU A 651 -15.80 32.26 4.98
N ASP A 652 -16.77 33.00 5.51
CA ASP A 652 -16.50 34.35 6.03
C ASP A 652 -16.27 34.33 7.54
N GLU A 653 -16.50 33.18 8.17
CA GLU A 653 -16.32 33.02 9.60
C GLU A 653 -14.98 32.36 9.90
N PHE A 654 -13.95 32.76 9.16
CA PHE A 654 -12.61 32.21 9.29
C PHE A 654 -11.81 32.84 10.43
N ILE A 655 -10.79 32.10 10.88
CA ILE A 655 -9.90 32.60 11.93
C ILE A 655 -8.64 33.08 11.21
N ASN A 656 -8.20 34.28 11.52
CA ASN A 656 -7.02 34.85 10.87
C ASN A 656 -5.81 34.86 11.81
N PHE A 657 -4.65 35.19 11.26
CA PHE A 657 -3.42 35.24 12.04
C PHE A 657 -3.41 36.44 12.99
N ASP A 658 -2.86 36.22 14.18
CA ASP A 658 -2.73 37.26 15.19
C ASP A 658 -1.49 36.92 16.02
N PRO A 659 -0.47 37.78 15.96
CA PRO A 659 0.78 37.55 16.70
C PRO A 659 0.60 37.34 18.21
N GLU A 660 -0.29 38.12 18.82
CA GLU A 660 -0.53 38.00 20.26
C GLU A 660 -1.21 36.69 20.58
N VAL A 661 -2.12 36.25 19.72
CA VAL A 661 -2.83 35.00 19.94
C VAL A 661 -1.87 33.82 19.85
N GLU A 662 -0.94 33.87 18.88
CA GLU A 662 0.03 32.80 18.71
C GLU A 662 0.88 32.66 19.96
N ARG A 663 1.31 33.79 20.52
CA ARG A 663 2.12 33.77 21.73
C ARG A 663 1.35 33.17 22.90
N GLN A 664 0.05 33.46 22.97
CA GLN A 664 -0.79 32.95 24.06
C GLN A 664 -0.97 31.44 23.90
N GLN A 665 -1.09 30.99 22.66
CA GLN A 665 -1.26 29.56 22.38
C GLN A 665 -0.01 28.80 22.76
N THR A 666 1.15 29.41 22.52
CA THR A 666 2.42 28.79 22.85
C THR A 666 2.52 28.54 24.35
N GLU A 667 2.13 29.54 25.13
CA GLU A 667 2.18 29.43 26.58
C GLU A 667 1.23 28.32 27.02
N LEU A 668 0.01 28.35 26.51
CA LEU A 668 -0.99 27.35 26.85
C LEU A 668 -0.53 25.95 26.46
N ARG A 669 0.09 25.84 25.29
CA ARG A 669 0.57 24.55 24.80
C ARG A 669 1.66 24.02 25.73
N HIS A 670 2.62 24.87 26.09
CA HIS A 670 3.69 24.46 26.99
C HIS A 670 3.12 23.96 28.32
N LYS A 671 2.18 24.72 28.86
CA LYS A 671 1.54 24.37 30.12
C LYS A 671 0.83 23.01 30.07
N ARG A 672 0.05 22.80 29.01
CA ARG A 672 -0.69 21.56 28.84
C ARG A 672 0.13 20.32 28.49
N THR A 673 1.31 20.54 27.90
CA THR A 673 2.18 19.42 27.53
C THR A 673 3.37 19.29 28.47
N GLY A 674 3.36 20.05 29.56
CA GLY A 674 4.45 19.99 30.51
C GLY A 674 5.78 20.40 29.89
N GLY A 675 5.73 21.31 28.94
CA GLY A 675 6.95 21.78 28.29
C GLY A 675 7.45 20.91 27.14
N LYS A 676 6.81 19.77 26.91
CA LYS A 676 7.22 18.87 25.83
C LYS A 676 7.04 19.47 24.45
N HIS A 677 6.01 20.30 24.29
CA HIS A 677 5.71 20.93 22.99
C HIS A 677 5.29 22.39 23.14
N MET B 75 -30.65 -4.55 29.67
CA MET B 75 -29.92 -3.40 29.16
C MET B 75 -28.70 -3.03 30.01
N ASP B 76 -27.75 -2.35 29.38
CA ASP B 76 -26.53 -1.91 30.05
C ASP B 76 -26.43 -0.40 29.91
N THR B 77 -26.24 0.29 31.04
CA THR B 77 -26.16 1.74 31.02
C THR B 77 -24.77 2.28 31.38
N SER B 78 -23.84 1.37 31.69
CA SER B 78 -22.49 1.77 32.07
C SER B 78 -21.72 2.61 31.05
N PHE B 79 -22.09 2.54 29.77
CA PHE B 79 -21.41 3.32 28.74
C PHE B 79 -22.08 4.66 28.46
N VAL B 80 -23.30 4.84 28.97
CA VAL B 80 -24.01 6.10 28.74
C VAL B 80 -23.19 7.29 29.23
N GLY B 81 -22.96 8.24 28.33
CA GLY B 81 -22.18 9.42 28.66
C GLY B 81 -20.80 9.42 28.02
N LEU B 82 -20.32 8.25 27.60
CA LEU B 82 -19.01 8.15 26.96
C LEU B 82 -19.09 8.41 25.48
N THR B 83 -17.97 8.80 24.87
CA THR B 83 -17.93 9.03 23.43
C THR B 83 -17.66 7.68 22.78
N GLY B 84 -17.88 7.59 21.47
CA GLY B 84 -17.62 6.34 20.79
C GLY B 84 -16.15 5.99 20.97
N GLY B 85 -15.31 7.03 20.93
CA GLY B 85 -13.88 6.83 21.10
C GLY B 85 -13.53 6.21 22.44
N GLN B 86 -14.16 6.71 23.51
CA GLN B 86 -13.91 6.19 24.83
C GLN B 86 -14.45 4.77 24.96
N ILE B 87 -15.54 4.49 24.27
CA ILE B 87 -16.12 3.15 24.30
C ILE B 87 -15.13 2.21 23.60
N PHE B 88 -14.53 2.69 22.51
CA PHE B 88 -13.54 1.90 21.77
C PHE B 88 -12.42 1.53 22.73
N ASN B 89 -11.86 2.55 23.38
CA ASN B 89 -10.76 2.37 24.34
C ASN B 89 -11.12 1.28 25.35
N GLU B 90 -12.32 1.39 25.90
CA GLU B 90 -12.81 0.43 26.90
C GLU B 90 -12.96 -0.99 26.35
N MET B 91 -13.45 -1.11 25.12
CA MET B 91 -13.64 -2.43 24.52
C MET B 91 -12.30 -3.14 24.27
N MET B 92 -11.24 -2.36 24.05
CA MET B 92 -9.94 -2.96 23.81
C MET B 92 -9.50 -3.78 25.04
N SER B 93 -9.64 -3.21 26.24
CA SER B 93 -9.25 -3.97 27.43
C SER B 93 -10.14 -5.18 27.68
N ARG B 94 -11.41 -5.08 27.28
CA ARG B 94 -12.32 -6.18 27.46
C ARG B 94 -12.03 -7.29 26.45
N GLN B 95 -11.35 -6.93 25.37
CA GLN B 95 -10.98 -7.88 24.33
C GLN B 95 -9.55 -8.36 24.55
N ASN B 96 -8.99 -8.01 25.70
CA ASN B 96 -7.64 -8.43 26.06
C ASN B 96 -6.58 -7.93 25.07
N VAL B 97 -6.79 -6.75 24.53
CA VAL B 97 -5.84 -6.16 23.58
C VAL B 97 -4.73 -5.44 24.36
N ASP B 98 -3.47 -5.82 24.12
CA ASP B 98 -2.36 -5.17 24.81
C ASP B 98 -1.49 -4.37 23.84
N THR B 99 -1.78 -4.50 22.55
CA THR B 99 -1.01 -3.79 21.54
C THR B 99 -1.86 -3.32 20.37
N VAL B 100 -1.60 -2.11 19.91
CA VAL B 100 -2.32 -1.54 18.77
C VAL B 100 -1.30 -0.92 17.82
N PHE B 101 -1.43 -1.25 16.53
CA PHE B 101 -0.54 -0.71 15.52
C PHE B 101 -1.36 0.26 14.68
N GLY B 102 -0.89 1.50 14.55
CA GLY B 102 -1.65 2.47 13.78
C GLY B 102 -0.97 3.78 13.43
N TYR B 103 -1.70 4.62 12.73
CA TYR B 103 -1.23 5.92 12.29
C TYR B 103 -2.45 6.83 12.30
N PRO B 104 -2.36 7.99 13.00
CA PRO B 104 -3.47 8.95 13.11
C PRO B 104 -3.85 9.68 11.83
N GLY B 105 -5.05 10.26 11.86
CA GLY B 105 -5.58 11.01 10.73
C GLY B 105 -6.84 11.72 11.19
N GLY B 106 -7.34 12.65 10.37
CA GLY B 106 -8.54 13.40 10.75
C GLY B 106 -9.77 12.58 11.15
N ALA B 107 -10.24 11.72 10.25
CA ALA B 107 -11.43 10.92 10.53
C ALA B 107 -11.35 10.06 11.78
N ILE B 108 -10.15 9.62 12.14
CA ILE B 108 -9.99 8.75 13.30
C ILE B 108 -9.58 9.50 14.57
N LEU B 109 -9.43 10.82 14.48
CA LEU B 109 -9.03 11.62 15.64
C LEU B 109 -9.82 11.36 16.92
N PRO B 110 -11.17 11.26 16.83
CA PRO B 110 -11.96 11.02 18.04
C PRO B 110 -11.48 9.80 18.82
N VAL B 111 -11.05 8.77 18.09
CA VAL B 111 -10.58 7.55 18.74
C VAL B 111 -9.17 7.77 19.30
N TYR B 112 -8.32 8.46 18.55
CA TYR B 112 -6.97 8.73 19.02
C TYR B 112 -6.96 9.61 20.26
N ASP B 113 -7.85 10.58 20.32
CA ASP B 113 -7.92 11.45 21.49
C ASP B 113 -8.32 10.59 22.70
N ALA B 114 -9.16 9.58 22.47
CA ALA B 114 -9.62 8.71 23.53
C ALA B 114 -8.55 7.74 24.02
N ILE B 115 -7.60 7.40 23.17
CA ILE B 115 -6.55 6.48 23.58
C ILE B 115 -5.26 7.23 23.91
N HIS B 116 -5.36 8.56 23.99
CA HIS B 116 -4.19 9.39 24.32
C HIS B 116 -3.67 9.04 25.72
N ASN B 117 -2.42 8.60 25.78
CA ASN B 117 -1.79 8.23 27.04
C ASN B 117 -2.46 7.07 27.76
N SER B 118 -3.28 6.31 27.04
CA SER B 118 -3.97 5.17 27.65
C SER B 118 -2.97 4.10 28.07
N ASP B 119 -3.14 3.57 29.27
CA ASP B 119 -2.23 2.52 29.72
C ASP B 119 -2.86 1.14 29.55
N LYS B 120 -3.94 1.07 28.79
CA LYS B 120 -4.62 -0.19 28.54
C LYS B 120 -3.78 -1.01 27.54
N PHE B 121 -2.96 -0.32 26.75
CA PHE B 121 -2.16 -1.00 25.74
C PHE B 121 -1.00 -0.18 25.18
N ASN B 122 -0.06 -0.87 24.54
CA ASN B 122 1.10 -0.24 23.91
C ASN B 122 0.70 0.15 22.49
N PHE B 123 1.07 1.35 22.06
CA PHE B 123 0.76 1.79 20.71
C PHE B 123 2.03 1.77 19.90
N VAL B 124 1.98 1.21 18.70
CA VAL B 124 3.14 1.15 17.84
C VAL B 124 2.89 1.97 16.59
N LEU B 125 3.75 2.96 16.35
CA LEU B 125 3.62 3.85 15.19
C LEU B 125 4.62 3.51 14.09
N PRO B 126 4.11 3.19 12.89
CA PRO B 126 4.99 2.87 11.75
C PRO B 126 5.15 4.18 10.97
N LYS B 127 5.76 4.11 9.80
CA LYS B 127 5.92 5.31 8.97
C LYS B 127 4.89 5.26 7.85
N HIS B 128 4.36 4.07 7.60
CA HIS B 128 3.37 3.84 6.55
C HIS B 128 2.35 2.81 7.06
N GLU B 129 1.08 3.03 6.76
CA GLU B 129 0.03 2.11 7.21
C GLU B 129 0.28 0.66 6.82
N GLN B 130 0.84 0.42 5.63
CA GLN B 130 1.11 -0.95 5.21
C GLN B 130 2.01 -1.58 6.26
N GLY B 131 2.90 -0.78 6.83
CA GLY B 131 3.79 -1.27 7.86
C GLY B 131 3.03 -1.66 9.12
N ALA B 132 2.02 -0.87 9.47
CA ALA B 132 1.22 -1.18 10.67
C ALA B 132 0.51 -2.52 10.44
N GLY B 133 0.02 -2.72 9.22
CA GLY B 133 -0.67 -3.95 8.89
C GLY B 133 0.22 -5.19 8.99
N HIS B 134 1.41 -5.13 8.39
CA HIS B 134 2.32 -6.28 8.44
C HIS B 134 2.86 -6.51 9.84
N MET B 135 2.99 -5.44 10.61
CA MET B 135 3.47 -5.54 11.99
C MET B 135 2.40 -6.32 12.78
N ALA B 136 1.14 -5.98 12.54
CA ALA B 136 0.03 -6.64 13.22
C ALA B 136 0.00 -8.12 12.85
N GLU B 137 0.30 -8.44 11.60
CA GLU B 137 0.32 -9.83 11.19
C GLU B 137 1.44 -10.58 11.92
N GLY B 138 2.63 -9.99 11.92
CA GLY B 138 3.77 -10.61 12.58
C GLY B 138 3.48 -10.81 14.05
N TYR B 139 2.82 -9.82 14.64
CA TYR B 139 2.44 -9.87 16.04
C TYR B 139 1.48 -11.04 16.26
N ALA B 140 0.49 -11.16 15.38
CA ALA B 140 -0.50 -12.24 15.47
C ALA B 140 0.14 -13.63 15.28
N ARG B 141 1.04 -13.75 14.32
CA ARG B 141 1.72 -15.02 14.05
C ARG B 141 2.57 -15.50 15.22
N ALA B 142 3.16 -14.55 15.94
CA ALA B 142 4.03 -14.88 17.05
C ALA B 142 3.34 -15.11 18.39
N SER B 143 2.19 -14.47 18.60
CA SER B 143 1.48 -14.58 19.86
C SER B 143 0.20 -15.41 19.88
N GLY B 144 -0.45 -15.55 18.72
CA GLY B 144 -1.69 -16.31 18.70
C GLY B 144 -2.87 -15.37 19.01
N LYS B 145 -2.58 -14.09 19.18
CA LYS B 145 -3.61 -13.10 19.45
C LYS B 145 -3.86 -12.29 18.19
N PRO B 146 -5.09 -11.78 18.01
CA PRO B 146 -5.35 -10.99 16.81
C PRO B 146 -4.56 -9.68 16.79
N GLY B 147 -4.06 -9.31 15.60
CA GLY B 147 -3.31 -8.07 15.49
C GLY B 147 -4.32 -6.95 15.29
N VAL B 148 -4.19 -5.87 16.04
CA VAL B 148 -5.14 -4.75 15.93
C VAL B 148 -4.55 -3.55 15.23
N VAL B 149 -5.24 -3.08 14.20
CA VAL B 149 -4.79 -1.93 13.42
C VAL B 149 -5.77 -0.76 13.54
N LEU B 150 -5.24 0.45 13.68
CA LEU B 150 -6.06 1.64 13.81
C LEU B 150 -5.53 2.73 12.89
N VAL B 151 -6.21 2.93 11.76
CA VAL B 151 -5.80 3.93 10.78
C VAL B 151 -6.93 4.88 10.45
N THR B 152 -6.62 5.92 9.66
CA THR B 152 -7.61 6.92 9.29
C THR B 152 -8.33 6.55 8.00
N SER B 153 -9.22 7.41 7.54
CA SER B 153 -9.97 7.14 6.32
C SER B 153 -9.14 7.34 5.06
N GLY B 154 -9.79 7.13 3.91
CA GLY B 154 -9.16 7.32 2.63
C GLY B 154 -7.83 6.60 2.42
N PRO B 155 -6.74 7.34 2.22
CA PRO B 155 -5.42 6.75 2.00
C PRO B 155 -4.94 5.88 3.15
N GLY B 156 -5.41 6.18 4.36
CA GLY B 156 -5.01 5.37 5.50
C GLY B 156 -5.57 3.97 5.37
N ALA B 157 -6.81 3.88 4.93
CA ALA B 157 -7.49 2.61 4.75
C ALA B 157 -7.03 1.84 3.51
N THR B 158 -6.84 2.55 2.40
CA THR B 158 -6.39 1.88 1.20
C THR B 158 -4.98 1.35 1.38
N ASN B 159 -4.19 1.99 2.24
CA ASN B 159 -2.82 1.55 2.51
C ASN B 159 -2.74 0.24 3.30
N VAL B 160 -3.88 -0.25 3.81
CA VAL B 160 -3.86 -1.51 4.55
C VAL B 160 -4.52 -2.65 3.79
N VAL B 161 -4.86 -2.40 2.52
CA VAL B 161 -5.48 -3.43 1.71
C VAL B 161 -4.54 -4.61 1.49
N THR B 162 -3.27 -4.33 1.20
CA THR B 162 -2.31 -5.41 0.98
C THR B 162 -2.17 -6.29 2.23
N PRO B 163 -1.97 -5.67 3.41
CA PRO B 163 -1.84 -6.48 4.63
C PRO B 163 -3.09 -7.32 4.89
N MET B 164 -4.26 -6.78 4.59
CA MET B 164 -5.50 -7.52 4.80
C MET B 164 -5.58 -8.69 3.82
N ALA B 165 -5.26 -8.43 2.56
CA ALA B 165 -5.30 -9.49 1.56
C ALA B 165 -4.28 -10.56 1.92
N ASP B 166 -3.17 -10.13 2.52
CA ASP B 166 -2.12 -11.06 2.91
C ASP B 166 -2.57 -11.93 4.07
N ALA B 167 -3.24 -11.33 5.04
CA ALA B 167 -3.75 -12.04 6.21
C ALA B 167 -4.89 -12.98 5.81
N PHE B 168 -5.64 -12.59 4.80
CA PHE B 168 -6.77 -13.38 4.32
C PHE B 168 -6.26 -14.67 3.69
N ALA B 169 -5.21 -14.54 2.89
CA ALA B 169 -4.62 -15.69 2.21
C ALA B 169 -3.96 -16.67 3.17
N ASP B 170 -3.31 -16.14 4.22
CA ASP B 170 -2.60 -16.97 5.19
C ASP B 170 -3.33 -17.31 6.49
N GLY B 171 -4.60 -16.91 6.59
CA GLY B 171 -5.37 -17.21 7.79
C GLY B 171 -4.85 -16.57 9.07
N ILE B 172 -4.55 -15.28 9.00
CA ILE B 172 -4.03 -14.55 10.14
C ILE B 172 -5.12 -13.67 10.77
N PRO B 173 -5.35 -13.84 12.09
CA PRO B 173 -6.38 -13.06 12.79
C PRO B 173 -5.96 -11.60 12.92
N MET B 174 -6.82 -10.72 12.43
CA MET B 174 -6.52 -9.30 12.47
C MET B 174 -7.82 -8.49 12.49
N VAL B 175 -7.86 -7.44 13.29
CA VAL B 175 -9.04 -6.59 13.34
C VAL B 175 -8.58 -5.20 12.93
N VAL B 176 -9.03 -4.77 11.75
CA VAL B 176 -8.64 -3.48 11.22
C VAL B 176 -9.72 -2.42 11.42
N PHE B 177 -9.39 -1.37 12.17
CA PHE B 177 -10.32 -0.28 12.41
C PHE B 177 -9.90 0.89 11.53
N THR B 178 -10.80 1.33 10.65
CA THR B 178 -10.49 2.45 9.76
C THR B 178 -11.43 3.63 10.02
N GLY B 179 -10.85 4.81 10.21
CA GLY B 179 -11.67 5.99 10.42
C GLY B 179 -12.42 6.23 9.12
N GLN B 180 -13.60 6.85 9.21
CA GLN B 180 -14.39 7.13 8.02
C GLN B 180 -14.98 8.53 8.13
N VAL B 181 -15.35 9.12 7.00
CA VAL B 181 -15.94 10.45 7.00
C VAL B 181 -17.29 10.36 7.74
N PRO B 182 -17.82 11.50 8.23
CA PRO B 182 -19.10 11.49 8.94
C PRO B 182 -20.17 10.80 8.11
N THR B 183 -21.06 10.07 8.78
CA THR B 183 -22.13 9.34 8.09
C THR B 183 -22.93 10.23 7.14
N SER B 184 -23.03 11.51 7.46
CA SER B 184 -23.79 12.43 6.62
C SER B 184 -23.03 12.84 5.36
N ALA B 185 -21.73 12.58 5.33
CA ALA B 185 -20.92 12.94 4.17
C ALA B 185 -20.64 11.74 3.28
N ILE B 186 -21.00 10.54 3.74
CA ILE B 186 -20.78 9.33 2.96
C ILE B 186 -21.57 9.37 1.65
N GLY B 187 -20.88 9.09 0.55
CA GLY B 187 -21.53 9.08 -0.75
C GLY B 187 -21.54 10.44 -1.43
N THR B 188 -20.78 11.39 -0.89
CA THR B 188 -20.74 12.73 -1.48
C THR B 188 -19.35 13.05 -2.03
N ASP B 189 -18.47 12.06 -2.08
CA ASP B 189 -17.11 12.28 -2.56
C ASP B 189 -16.46 13.29 -1.62
N ALA B 190 -16.60 13.02 -0.33
CA ALA B 190 -16.05 13.88 0.71
C ALA B 190 -14.53 13.77 0.81
N PHE B 191 -13.92 14.71 1.53
CA PHE B 191 -12.49 14.72 1.72
C PHE B 191 -12.04 13.37 2.31
N GLN B 192 -11.03 12.77 1.68
CA GLN B 192 -10.47 11.48 2.11
C GLN B 192 -11.52 10.39 2.30
N GLU B 193 -12.53 10.35 1.44
CA GLU B 193 -13.55 9.33 1.54
C GLU B 193 -13.28 8.18 0.56
N ALA B 194 -13.45 6.96 1.04
CA ALA B 194 -13.24 5.78 0.21
C ALA B 194 -14.26 4.73 0.63
N ASP B 195 -14.71 3.93 -0.32
CA ASP B 195 -15.67 2.87 -0.02
C ASP B 195 -14.83 1.68 0.45
N VAL B 196 -14.33 1.79 1.68
CA VAL B 196 -13.48 0.76 2.27
C VAL B 196 -14.17 -0.58 2.48
N VAL B 197 -15.45 -0.54 2.86
CA VAL B 197 -16.19 -1.78 3.06
C VAL B 197 -16.32 -2.52 1.72
N GLY B 198 -16.45 -1.76 0.63
CA GLY B 198 -16.55 -2.37 -0.69
C GLY B 198 -15.21 -2.88 -1.18
N ILE B 199 -14.18 -2.05 -1.02
CA ILE B 199 -12.82 -2.41 -1.44
C ILE B 199 -12.29 -3.67 -0.75
N SER B 200 -12.49 -3.76 0.57
CA SER B 200 -11.99 -4.90 1.35
C SER B 200 -12.92 -6.10 1.48
N ARG B 201 -14.06 -6.06 0.79
CA ARG B 201 -15.01 -7.17 0.88
C ARG B 201 -14.39 -8.53 0.54
N SER B 202 -13.66 -8.59 -0.56
CA SER B 202 -13.03 -9.84 -0.99
C SER B 202 -11.79 -10.27 -0.21
N CYS B 203 -11.25 -9.38 0.62
CA CYS B 203 -10.05 -9.73 1.37
C CYS B 203 -10.21 -9.69 2.90
N THR B 204 -11.44 -9.87 3.37
CA THR B 204 -11.73 -9.92 4.80
C THR B 204 -12.78 -11.01 5.00
N LYS B 205 -12.75 -11.66 6.15
CA LYS B 205 -13.73 -12.72 6.44
C LYS B 205 -15.08 -12.05 6.62
N TRP B 206 -15.04 -10.78 6.99
CA TRP B 206 -16.25 -10.01 7.25
C TRP B 206 -15.84 -8.56 7.49
N ASN B 207 -16.73 -7.63 7.16
CA ASN B 207 -16.45 -6.23 7.43
C ASN B 207 -17.78 -5.53 7.71
N VAL B 208 -17.72 -4.30 8.21
CA VAL B 208 -18.94 -3.58 8.53
C VAL B 208 -18.65 -2.10 8.77
N MET B 209 -19.67 -1.28 8.58
CA MET B 209 -19.55 0.13 8.86
C MET B 209 -20.48 0.41 10.02
N VAL B 210 -19.92 0.91 11.12
CA VAL B 210 -20.72 1.22 12.29
C VAL B 210 -21.55 2.47 12.00
N LYS B 211 -22.87 2.30 12.05
CA LYS B 211 -23.80 3.39 11.76
C LYS B 211 -24.15 4.27 12.95
N SER B 212 -23.97 3.74 14.16
CA SER B 212 -24.28 4.50 15.37
C SER B 212 -23.41 4.06 16.55
N VAL B 213 -23.25 4.96 17.52
CA VAL B 213 -22.44 4.67 18.69
C VAL B 213 -23.05 3.51 19.47
N GLU B 214 -24.37 3.39 19.43
CA GLU B 214 -25.07 2.32 20.13
C GLU B 214 -24.63 0.92 19.69
N GLU B 215 -24.23 0.77 18.45
CA GLU B 215 -23.80 -0.54 17.95
C GLU B 215 -22.29 -0.75 17.95
N LEU B 216 -21.54 0.24 18.41
CA LEU B 216 -20.09 0.09 18.45
C LEU B 216 -19.63 -1.13 19.22
N PRO B 217 -20.12 -1.32 20.46
CA PRO B 217 -19.71 -2.50 21.23
C PRO B 217 -20.02 -3.81 20.50
N LEU B 218 -21.22 -3.91 19.93
CA LEU B 218 -21.63 -5.12 19.23
C LEU B 218 -20.72 -5.43 18.04
N ARG B 219 -20.44 -4.43 17.22
CA ARG B 219 -19.60 -4.64 16.06
C ARG B 219 -18.17 -5.01 16.43
N ILE B 220 -17.65 -4.41 17.50
CA ILE B 220 -16.30 -4.73 17.92
C ILE B 220 -16.24 -6.19 18.35
N ASN B 221 -17.21 -6.61 19.15
CA ASN B 221 -17.24 -7.98 19.64
C ASN B 221 -17.38 -9.00 18.51
N GLU B 222 -18.22 -8.70 17.53
CA GLU B 222 -18.39 -9.60 16.40
C GLU B 222 -17.11 -9.68 15.59
N ALA B 223 -16.43 -8.55 15.45
CA ALA B 223 -15.18 -8.50 14.69
C ALA B 223 -14.12 -9.42 15.30
N PHE B 224 -13.88 -9.27 16.59
CA PHE B 224 -12.90 -10.10 17.27
C PHE B 224 -13.25 -11.58 17.24
N GLU B 225 -14.54 -11.89 17.35
CA GLU B 225 -14.96 -13.29 17.34
C GLU B 225 -14.78 -13.91 15.96
N ILE B 226 -15.16 -13.19 14.92
CA ILE B 226 -15.03 -13.72 13.57
C ILE B 226 -13.56 -13.84 13.15
N ALA B 227 -12.74 -12.87 13.56
CA ALA B 227 -11.33 -12.88 13.22
C ALA B 227 -10.58 -14.06 13.81
N THR B 228 -10.97 -14.47 15.00
CA THR B 228 -10.29 -15.57 15.69
C THR B 228 -10.94 -16.94 15.69
N SER B 229 -12.08 -17.11 15.02
CA SER B 229 -12.74 -18.41 14.99
C SER B 229 -12.61 -19.09 13.62
N GLY B 230 -13.05 -20.34 13.52
CA GLY B 230 -12.94 -21.07 12.28
C GLY B 230 -11.51 -20.95 11.80
N ARG B 231 -11.31 -20.62 10.53
CA ARG B 231 -9.96 -20.40 10.04
C ARG B 231 -9.75 -18.92 10.35
N PRO B 232 -8.76 -18.58 11.19
CA PRO B 232 -8.53 -17.16 11.51
C PRO B 232 -8.37 -16.33 10.26
N GLY B 233 -8.66 -15.04 10.36
CA GLY B 233 -8.53 -14.16 9.22
C GLY B 233 -8.75 -12.71 9.59
N PRO B 234 -8.57 -11.79 8.63
CA PRO B 234 -8.77 -10.37 8.91
C PRO B 234 -10.22 -9.90 8.81
N VAL B 235 -10.55 -8.87 9.57
CA VAL B 235 -11.89 -8.28 9.57
C VAL B 235 -11.71 -6.77 9.60
N LEU B 236 -12.64 -6.04 9.00
CA LEU B 236 -12.56 -4.59 8.98
C LEU B 236 -13.80 -3.92 9.56
N VAL B 237 -13.57 -2.92 10.41
CA VAL B 237 -14.66 -2.18 11.04
C VAL B 237 -14.46 -0.70 10.69
N ASP B 238 -15.36 -0.18 9.87
CA ASP B 238 -15.31 1.21 9.42
C ASP B 238 -15.94 2.11 10.48
N LEU B 239 -15.21 3.14 10.90
CA LEU B 239 -15.67 4.04 11.96
C LEU B 239 -15.91 5.50 11.58
N PRO B 240 -17.15 5.85 11.23
CA PRO B 240 -17.47 7.24 10.85
C PRO B 240 -17.10 8.21 11.97
N LYS B 241 -16.47 9.32 11.60
CA LYS B 241 -16.02 10.32 12.57
C LYS B 241 -17.13 10.77 13.52
N ASP B 242 -18.35 10.93 13.02
CA ASP B 242 -19.45 11.37 13.86
C ASP B 242 -19.88 10.29 14.86
N VAL B 243 -19.60 9.03 14.53
CA VAL B 243 -19.97 7.94 15.43
C VAL B 243 -19.00 7.85 16.61
N THR B 244 -17.71 8.02 16.33
CA THR B 244 -16.72 7.95 17.38
C THR B 244 -16.68 9.22 18.24
N ALA B 245 -17.12 10.34 17.69
CA ALA B 245 -17.16 11.59 18.44
C ALA B 245 -18.46 11.68 19.23
N ALA B 246 -19.49 10.96 18.79
CA ALA B 246 -20.79 10.97 19.44
C ALA B 246 -20.76 10.41 20.84
N ILE B 247 -21.63 10.96 21.69
CA ILE B 247 -21.76 10.52 23.07
C ILE B 247 -22.91 9.54 23.11
N LEU B 248 -22.74 8.43 23.81
CA LEU B 248 -23.81 7.44 23.90
C LEU B 248 -24.86 7.95 24.90
N ARG B 249 -26.07 8.19 24.41
CA ARG B 249 -27.13 8.69 25.27
C ARG B 249 -28.28 7.70 25.44
N ASN B 250 -28.07 6.46 25.01
CA ASN B 250 -29.09 5.43 25.13
C ASN B 250 -28.52 4.14 25.71
N PRO B 251 -29.26 3.49 26.61
CA PRO B 251 -28.76 2.24 27.18
C PRO B 251 -28.75 1.22 26.05
N ILE B 252 -27.87 0.23 26.13
CA ILE B 252 -27.79 -0.78 25.07
C ILE B 252 -27.77 -2.19 25.66
N PRO B 253 -28.20 -3.19 24.87
CA PRO B 253 -28.23 -4.58 25.32
C PRO B 253 -26.91 -5.05 25.92
N THR B 254 -26.98 -5.65 27.11
CA THR B 254 -25.79 -6.14 27.80
C THR B 254 -25.08 -7.20 26.98
N LYS B 255 -25.83 -7.92 26.16
CA LYS B 255 -25.28 -8.98 25.33
C LYS B 255 -24.28 -8.41 24.32
N THR B 256 -24.63 -7.25 23.74
CA THR B 256 -23.77 -6.60 22.75
C THR B 256 -22.49 -6.02 23.33
N THR B 257 -22.37 -5.97 24.65
CA THR B 257 -21.18 -5.41 25.28
C THR B 257 -20.28 -6.48 25.90
N LEU B 258 -20.71 -7.73 25.82
CA LEU B 258 -19.92 -8.83 26.37
C LEU B 258 -19.28 -9.66 25.27
N PRO B 259 -17.94 -9.77 25.28
CA PRO B 259 -17.18 -10.52 24.28
C PRO B 259 -17.70 -11.94 24.07
N SER B 268 -24.35 -29.35 19.07
CA SER B 268 -25.35 -30.29 18.58
C SER B 268 -24.88 -31.73 18.75
N ARG B 269 -25.71 -32.54 19.42
CA ARG B 269 -25.38 -33.93 19.65
C ARG B 269 -25.22 -34.67 18.32
N ALA B 270 -26.12 -34.41 17.39
CA ALA B 270 -26.07 -35.04 16.08
C ALA B 270 -24.78 -34.72 15.33
N GLN B 271 -24.33 -33.47 15.45
CA GLN B 271 -23.11 -33.02 14.78
C GLN B 271 -21.89 -33.67 15.41
N ASP B 272 -21.73 -33.50 16.72
CA ASP B 272 -20.60 -34.07 17.42
C ASP B 272 -20.55 -35.57 17.16
N GLU B 273 -21.73 -36.18 17.04
CA GLU B 273 -21.82 -37.61 16.77
C GLU B 273 -21.36 -37.88 15.35
N PHE B 274 -21.65 -36.97 14.44
CA PHE B 274 -21.23 -37.10 13.04
C PHE B 274 -19.71 -36.98 12.94
N VAL B 275 -19.14 -36.04 13.69
CA VAL B 275 -17.70 -35.84 13.66
C VAL B 275 -17.03 -37.09 14.20
N MET B 276 -17.57 -37.64 15.28
CA MET B 276 -17.01 -38.85 15.88
C MET B 276 -17.06 -40.00 14.88
N GLN B 277 -18.12 -40.02 14.06
CA GLN B 277 -18.27 -41.05 13.05
C GLN B 277 -17.13 -40.94 12.04
N SER B 278 -16.89 -39.74 11.54
CA SER B 278 -15.83 -39.54 10.56
C SER B 278 -14.47 -39.84 11.21
N ILE B 279 -14.35 -39.56 12.50
CA ILE B 279 -13.10 -39.84 13.22
C ILE B 279 -12.86 -41.35 13.27
N ASN B 280 -13.92 -42.10 13.58
CA ASN B 280 -13.80 -43.56 13.64
C ASN B 280 -13.46 -44.09 12.26
N LYS B 281 -14.05 -43.50 11.24
CA LYS B 281 -13.81 -43.91 9.86
C LYS B 281 -12.37 -43.58 9.46
N ALA B 282 -11.85 -42.46 9.97
CA ALA B 282 -10.48 -42.05 9.65
C ALA B 282 -9.49 -42.99 10.34
N ALA B 283 -9.82 -43.41 11.54
CA ALA B 283 -8.96 -44.31 12.29
C ALA B 283 -8.88 -45.66 11.58
N ASP B 284 -10.02 -46.17 11.12
CA ASP B 284 -10.03 -47.46 10.42
C ASP B 284 -9.13 -47.42 9.20
N LEU B 285 -9.19 -46.31 8.46
CA LEU B 285 -8.38 -46.18 7.26
C LEU B 285 -6.90 -46.09 7.63
N ILE B 286 -6.57 -45.35 8.68
CA ILE B 286 -5.19 -45.22 9.12
C ILE B 286 -4.64 -46.58 9.59
N ASN B 287 -5.46 -47.35 10.29
CA ASN B 287 -5.03 -48.65 10.78
C ASN B 287 -4.78 -49.65 9.65
N LEU B 288 -5.28 -49.31 8.46
CA LEU B 288 -5.14 -50.17 7.29
C LEU B 288 -3.93 -49.80 6.42
N ALA B 289 -3.43 -48.58 6.59
CA ALA B 289 -2.30 -48.07 5.81
C ALA B 289 -0.96 -48.76 6.00
N LYS B 290 -0.24 -48.93 4.90
CA LYS B 290 1.07 -49.57 4.91
C LYS B 290 2.17 -48.55 4.58
N LYS B 291 1.81 -47.48 3.87
CA LYS B 291 2.76 -46.43 3.50
C LYS B 291 2.11 -45.07 3.69
N PRO B 292 1.76 -44.73 4.95
CA PRO B 292 1.13 -43.45 5.26
C PRO B 292 2.08 -42.30 5.40
N VAL B 293 1.56 -41.09 5.20
CA VAL B 293 2.34 -39.88 5.33
C VAL B 293 1.45 -38.79 5.89
N LEU B 294 1.96 -38.06 6.88
CA LEU B 294 1.20 -36.97 7.46
C LEU B 294 1.64 -35.72 6.70
N TYR B 295 0.67 -35.04 6.10
CA TYR B 295 0.90 -33.82 5.34
C TYR B 295 0.33 -32.73 6.23
N VAL B 296 1.22 -32.01 6.91
CA VAL B 296 0.85 -30.99 7.89
C VAL B 296 1.06 -29.52 7.51
N GLY B 297 0.07 -28.69 7.87
CA GLY B 297 0.14 -27.27 7.57
C GLY B 297 -0.13 -26.37 8.75
N ALA B 298 -0.35 -25.08 8.46
CA ALA B 298 -0.61 -24.08 9.49
C ALA B 298 -1.71 -24.41 10.48
N GLY B 299 -2.70 -25.18 10.05
CA GLY B 299 -3.80 -25.53 10.91
C GLY B 299 -3.44 -26.16 12.24
N ILE B 300 -2.38 -26.97 12.26
CA ILE B 300 -1.95 -27.64 13.49
C ILE B 300 -1.38 -26.65 14.50
N LEU B 301 -0.98 -25.48 14.02
CA LEU B 301 -0.40 -24.45 14.87
C LEU B 301 -1.44 -23.53 15.49
N ASN B 302 -2.72 -23.72 15.15
CA ASN B 302 -3.76 -22.86 15.71
C ASN B 302 -4.29 -23.35 17.05
N HIS B 303 -3.61 -24.33 17.63
CA HIS B 303 -3.96 -24.84 18.94
C HIS B 303 -2.64 -25.14 19.64
N ALA B 304 -2.51 -24.73 20.90
CA ALA B 304 -1.29 -24.93 21.66
C ALA B 304 -0.82 -26.38 21.75
N ASP B 305 -1.75 -27.33 21.73
CA ASP B 305 -1.39 -28.74 21.82
C ASP B 305 -1.24 -29.44 20.47
N GLY B 306 -1.37 -28.69 19.38
CA GLY B 306 -1.25 -29.27 18.06
C GLY B 306 0.02 -30.07 17.85
N PRO B 307 1.19 -29.44 18.01
CA PRO B 307 2.47 -30.14 17.84
C PRO B 307 2.59 -31.41 18.69
N ARG B 308 2.18 -31.31 19.95
CA ARG B 308 2.24 -32.46 20.85
C ARG B 308 1.41 -33.64 20.35
N LEU B 309 0.16 -33.37 19.98
CA LEU B 309 -0.71 -34.43 19.48
C LEU B 309 -0.25 -34.97 18.14
N LEU B 310 0.32 -34.11 17.30
CA LEU B 310 0.82 -34.53 16.00
C LEU B 310 1.93 -35.53 16.27
N LYS B 311 2.86 -35.15 17.13
CA LYS B 311 3.98 -36.00 17.49
C LYS B 311 3.50 -37.33 18.08
N GLU B 312 2.47 -37.27 18.91
CA GLU B 312 1.95 -38.49 19.52
C GLU B 312 1.44 -39.46 18.45
N LEU B 313 0.66 -38.95 17.51
CA LEU B 313 0.13 -39.79 16.44
C LEU B 313 1.27 -40.35 15.59
N SER B 314 2.23 -39.48 15.24
CA SER B 314 3.37 -39.89 14.43
C SER B 314 4.13 -41.04 15.09
N ASP B 315 4.36 -40.92 16.40
CA ASP B 315 5.08 -41.97 17.13
C ASP B 315 4.26 -43.24 17.31
N ARG B 316 2.99 -43.07 17.64
CA ARG B 316 2.08 -44.19 17.86
C ARG B 316 1.89 -45.08 16.64
N ALA B 317 1.61 -44.46 15.49
CA ALA B 317 1.39 -45.21 14.26
C ALA B 317 2.61 -45.25 13.33
N GLN B 318 3.73 -44.69 13.79
CA GLN B 318 4.95 -44.67 12.99
C GLN B 318 4.67 -44.08 11.60
N ILE B 319 4.21 -42.84 11.59
CA ILE B 319 3.91 -42.15 10.34
C ILE B 319 4.87 -40.99 10.12
N PRO B 320 5.58 -40.98 8.98
CA PRO B 320 6.53 -39.89 8.71
C PRO B 320 5.78 -38.58 8.46
N VAL B 321 6.40 -37.46 8.80
CA VAL B 321 5.74 -36.17 8.67
C VAL B 321 6.40 -35.15 7.76
N THR B 322 5.61 -34.60 6.84
CA THR B 322 6.09 -33.55 5.96
C THR B 322 5.20 -32.34 6.25
N THR B 323 5.76 -31.14 6.21
CA THR B 323 4.98 -29.93 6.46
C THR B 323 5.09 -28.98 5.28
N THR B 324 4.09 -28.13 5.14
CA THR B 324 4.09 -27.12 4.09
C THR B 324 4.99 -26.02 4.63
N LEU B 325 5.16 -24.97 3.84
CA LEU B 325 5.96 -23.82 4.24
C LEU B 325 5.38 -23.24 5.54
N GLN B 326 4.05 -23.21 5.64
CA GLN B 326 3.38 -22.63 6.80
C GLN B 326 3.24 -23.59 7.99
N GLY B 327 3.70 -24.81 7.81
CA GLY B 327 3.65 -25.80 8.88
C GLY B 327 5.02 -26.00 9.50
N LEU B 328 6.03 -25.35 8.93
CA LEU B 328 7.39 -25.47 9.45
C LEU B 328 7.45 -25.03 10.89
N GLY B 329 8.05 -25.87 11.73
CA GLY B 329 8.13 -25.55 13.15
C GLY B 329 7.15 -26.36 13.97
N SER B 330 6.13 -26.93 13.32
CA SER B 330 5.13 -27.73 14.01
C SER B 330 5.64 -29.13 14.32
N PHE B 331 6.68 -29.55 13.59
CA PHE B 331 7.26 -30.87 13.79
C PHE B 331 8.78 -30.72 13.95
N ASP B 332 9.33 -31.40 14.94
CA ASP B 332 10.76 -31.36 15.19
C ASP B 332 11.52 -32.03 14.05
N GLN B 333 12.27 -31.25 13.28
CA GLN B 333 13.01 -31.78 12.15
C GLN B 333 14.20 -32.64 12.55
N GLU B 334 14.49 -32.71 13.86
CA GLU B 334 15.58 -33.54 14.34
C GLU B 334 15.07 -34.98 14.50
N ASP B 335 13.75 -35.16 14.41
CA ASP B 335 13.16 -36.48 14.54
C ASP B 335 13.37 -37.28 13.26
N PRO B 336 13.71 -38.56 13.39
CA PRO B 336 13.96 -39.45 12.25
C PRO B 336 12.76 -39.51 11.30
N LYS B 337 11.55 -39.39 11.85
CA LYS B 337 10.36 -39.46 11.03
C LYS B 337 10.02 -38.16 10.28
N SER B 338 10.87 -37.14 10.42
CA SER B 338 10.64 -35.88 9.73
C SER B 338 11.07 -36.01 8.27
N LEU B 339 10.21 -35.55 7.35
CA LEU B 339 10.49 -35.62 5.93
C LEU B 339 10.85 -34.24 5.36
N ASP B 340 10.79 -33.22 6.22
CA ASP B 340 11.09 -31.85 5.82
C ASP B 340 9.93 -31.33 4.96
N MET B 341 10.15 -30.23 4.25
CA MET B 341 9.11 -29.60 3.42
C MET B 341 8.82 -30.25 2.07
N LEU B 342 7.56 -30.19 1.65
CA LEU B 342 7.13 -30.74 0.35
C LEU B 342 6.73 -29.59 -0.55
N GLY B 343 6.48 -29.88 -1.83
CA GLY B 343 6.04 -28.84 -2.74
C GLY B 343 6.97 -28.41 -3.84
N MET B 344 6.64 -27.27 -4.44
CA MET B 344 7.41 -26.70 -5.55
C MET B 344 8.90 -26.75 -5.27
N HIS B 345 9.29 -26.30 -4.07
CA HIS B 345 10.70 -26.30 -3.68
C HIS B 345 10.98 -27.18 -2.48
N GLY B 346 10.12 -28.18 -2.26
CA GLY B 346 10.34 -29.09 -1.15
C GLY B 346 11.39 -30.10 -1.55
N CYS B 347 11.92 -30.84 -0.58
CA CYS B 347 12.94 -31.84 -0.88
C CYS B 347 12.31 -33.03 -1.60
N ALA B 348 13.15 -33.80 -2.28
CA ALA B 348 12.67 -34.95 -3.04
C ALA B 348 12.06 -36.03 -2.15
N THR B 349 12.61 -36.23 -0.97
CA THR B 349 12.09 -37.26 -0.07
C THR B 349 10.63 -37.02 0.31
N ALA B 350 10.29 -35.78 0.67
CA ALA B 350 8.93 -35.44 1.04
C ALA B 350 8.00 -35.60 -0.15
N ASN B 351 8.41 -35.07 -1.30
CA ASN B 351 7.60 -35.17 -2.51
C ASN B 351 7.40 -36.61 -2.97
N LEU B 352 8.46 -37.41 -2.97
CA LEU B 352 8.38 -38.80 -3.37
C LEU B 352 7.53 -39.60 -2.39
N ALA B 353 7.67 -39.31 -1.10
CA ALA B 353 6.89 -40.00 -0.08
C ALA B 353 5.41 -39.77 -0.34
N VAL B 354 5.06 -38.52 -0.65
CA VAL B 354 3.68 -38.15 -0.93
C VAL B 354 3.17 -38.84 -2.20
N GLN B 355 4.05 -38.98 -3.19
CA GLN B 355 3.69 -39.62 -4.45
C GLN B 355 3.59 -41.14 -4.37
N ASN B 356 4.20 -41.72 -3.35
CA ASN B 356 4.17 -43.18 -3.20
C ASN B 356 3.35 -43.69 -2.02
N ALA B 357 2.79 -42.76 -1.24
CA ALA B 357 1.99 -43.12 -0.08
C ALA B 357 0.65 -43.73 -0.48
N ASP B 358 0.17 -44.68 0.31
CA ASP B 358 -1.13 -45.28 0.03
C ASP B 358 -2.19 -44.51 0.80
N LEU B 359 -1.74 -43.70 1.75
CA LEU B 359 -2.64 -42.89 2.55
C LEU B 359 -2.02 -41.55 2.93
N ILE B 360 -2.69 -40.47 2.56
CA ILE B 360 -2.22 -39.13 2.90
C ILE B 360 -3.16 -38.57 3.96
N ILE B 361 -2.60 -38.22 5.11
CA ILE B 361 -3.38 -37.66 6.20
C ILE B 361 -3.06 -36.17 6.25
N ALA B 362 -3.94 -35.36 5.66
CA ALA B 362 -3.76 -33.92 5.61
C ALA B 362 -4.31 -33.26 6.87
N VAL B 363 -3.41 -32.61 7.62
CA VAL B 363 -3.76 -31.95 8.86
C VAL B 363 -3.50 -30.45 8.81
N GLY B 364 -4.58 -29.68 8.72
CA GLY B 364 -4.47 -28.23 8.68
C GLY B 364 -3.67 -27.70 7.49
N ALA B 365 -3.94 -28.23 6.31
CA ALA B 365 -3.27 -27.81 5.08
C ALA B 365 -4.33 -27.73 3.99
N ARG B 366 -4.21 -26.76 3.09
CA ARG B 366 -5.23 -26.58 2.04
C ARG B 366 -4.92 -27.03 0.61
N PHE B 367 -3.92 -27.88 0.42
CA PHE B 367 -3.57 -28.37 -0.91
C PHE B 367 -3.41 -27.24 -1.93
N ASP B 368 -2.70 -26.17 -1.58
CA ASP B 368 -2.53 -25.07 -2.52
C ASP B 368 -1.63 -25.46 -3.70
N ASP B 369 -1.63 -24.63 -4.75
CA ASP B 369 -0.86 -24.93 -5.95
C ASP B 369 0.67 -24.88 -5.87
N ARG B 370 1.22 -24.42 -4.75
CA ARG B 370 2.67 -24.39 -4.59
C ARG B 370 3.09 -25.70 -3.91
N VAL B 371 2.10 -26.51 -3.52
CA VAL B 371 2.36 -27.77 -2.83
C VAL B 371 2.09 -29.03 -3.64
N THR B 372 0.96 -29.06 -4.34
CA THR B 372 0.53 -30.22 -5.10
C THR B 372 1.20 -30.50 -6.44
N GLY B 373 1.87 -29.50 -7.02
CA GLY B 373 2.45 -29.72 -8.33
C GLY B 373 1.25 -29.95 -9.25
N ASN B 374 1.46 -30.56 -10.42
CA ASN B 374 0.36 -30.84 -11.35
C ASN B 374 -0.67 -31.70 -10.61
N ILE B 375 -1.85 -31.12 -10.35
CA ILE B 375 -2.90 -31.82 -9.62
C ILE B 375 -3.31 -33.18 -10.17
N SER B 376 -3.27 -33.35 -11.48
CA SER B 376 -3.65 -34.64 -12.07
C SER B 376 -2.61 -35.73 -11.81
N LYS B 377 -1.39 -35.31 -11.46
CA LYS B 377 -0.31 -36.24 -11.18
C LYS B 377 -0.06 -36.37 -9.68
N PHE B 378 -0.83 -35.63 -8.89
CA PHE B 378 -0.68 -35.63 -7.44
C PHE B 378 -1.13 -36.91 -6.72
N ALA B 379 -0.25 -37.43 -5.88
CA ALA B 379 -0.53 -38.62 -5.09
C ALA B 379 -1.18 -39.79 -5.82
N PRO B 380 -0.52 -40.31 -6.86
CA PRO B 380 -1.07 -41.44 -7.63
C PRO B 380 -1.31 -42.72 -6.81
N GLU B 381 -0.42 -43.03 -5.89
CA GLU B 381 -0.57 -44.22 -5.08
C GLU B 381 -1.74 -44.13 -4.11
N ALA B 382 -2.00 -42.92 -3.60
CA ALA B 382 -3.10 -42.73 -2.69
C ALA B 382 -4.41 -42.86 -3.47
N ARG B 383 -4.42 -42.38 -4.71
CA ARG B 383 -5.62 -42.48 -5.53
C ARG B 383 -5.89 -43.94 -5.87
N ARG B 384 -4.84 -44.68 -6.19
CA ARG B 384 -4.99 -46.10 -6.52
C ARG B 384 -5.52 -46.84 -5.29
N ALA B 385 -5.01 -46.49 -4.11
CA ALA B 385 -5.44 -47.13 -2.87
C ALA B 385 -6.92 -46.84 -2.61
N ALA B 386 -7.35 -45.63 -2.95
CA ALA B 386 -8.75 -45.24 -2.75
C ALA B 386 -9.64 -46.04 -3.71
N ALA B 387 -9.20 -46.17 -4.95
CA ALA B 387 -9.97 -46.91 -5.94
C ALA B 387 -10.10 -48.37 -5.50
N GLU B 388 -9.15 -48.83 -4.68
CA GLU B 388 -9.16 -50.19 -4.19
C GLU B 388 -9.68 -50.26 -2.75
N GLY B 389 -10.23 -49.16 -2.27
CA GLY B 389 -10.78 -49.11 -0.93
C GLY B 389 -9.82 -49.44 0.21
N ARG B 390 -8.54 -49.19 0.03
CA ARG B 390 -7.56 -49.48 1.06
C ARG B 390 -6.72 -48.26 1.42
N GLY B 391 -7.22 -47.07 1.07
CA GLY B 391 -6.48 -45.85 1.39
C GLY B 391 -7.07 -44.61 0.76
N GLY B 392 -6.20 -43.65 0.44
CA GLY B 392 -6.66 -42.42 -0.16
C GLY B 392 -6.23 -41.18 0.61
N ILE B 393 -7.17 -40.28 0.85
CA ILE B 393 -6.88 -39.03 1.55
C ILE B 393 -7.85 -38.69 2.67
N ILE B 394 -7.30 -38.39 3.85
CA ILE B 394 -8.09 -37.98 5.01
C ILE B 394 -7.75 -36.50 5.19
N HIS B 395 -8.75 -35.67 5.49
CA HIS B 395 -8.51 -34.24 5.63
C HIS B 395 -9.10 -33.65 6.91
N PHE B 396 -8.24 -33.23 7.84
CA PHE B 396 -8.69 -32.60 9.08
C PHE B 396 -8.73 -31.11 8.75
N GLU B 397 -9.91 -30.63 8.39
CA GLU B 397 -10.12 -29.24 7.99
C GLU B 397 -11.20 -28.56 8.81
N VAL B 398 -10.94 -27.31 9.19
CA VAL B 398 -11.86 -26.54 10.00
C VAL B 398 -12.87 -25.76 9.15
N SER B 399 -12.50 -25.40 7.93
CA SER B 399 -13.40 -24.65 7.08
C SER B 399 -14.02 -25.42 5.91
N PRO B 400 -15.36 -25.43 5.84
CA PRO B 400 -16.09 -26.14 4.78
C PRO B 400 -15.65 -25.71 3.38
N LYS B 401 -15.28 -24.44 3.25
CA LYS B 401 -14.85 -23.90 1.97
C LYS B 401 -13.62 -24.62 1.41
N ASN B 402 -12.81 -25.21 2.29
CA ASN B 402 -11.61 -25.90 1.83
C ASN B 402 -11.70 -27.43 1.83
N ILE B 403 -12.92 -27.94 1.98
CA ILE B 403 -13.10 -29.38 1.97
C ILE B 403 -13.54 -29.80 0.56
N ASN B 404 -12.78 -30.73 -0.03
CA ASN B 404 -13.07 -31.22 -1.37
C ASN B 404 -13.05 -30.10 -2.40
N LYS B 405 -12.19 -29.11 -2.19
CA LYS B 405 -12.07 -27.97 -3.10
C LYS B 405 -11.04 -28.22 -4.21
N VAL B 406 -9.95 -28.91 -3.87
CA VAL B 406 -8.89 -29.15 -4.83
C VAL B 406 -8.84 -30.59 -5.31
N VAL B 407 -8.97 -31.52 -4.38
CA VAL B 407 -8.95 -32.94 -4.74
C VAL B 407 -10.02 -33.66 -3.93
N GLN B 408 -10.54 -34.75 -4.51
CA GLN B 408 -11.56 -35.53 -3.83
C GLN B 408 -10.92 -36.28 -2.67
N THR B 409 -11.48 -36.11 -1.47
CA THR B 409 -10.94 -36.80 -0.31
C THR B 409 -11.91 -37.90 0.12
N GLN B 410 -11.38 -38.96 0.70
CA GLN B 410 -12.22 -40.08 1.13
C GLN B 410 -12.92 -39.81 2.46
N ILE B 411 -12.23 -39.11 3.35
CA ILE B 411 -12.81 -38.79 4.65
C ILE B 411 -12.40 -37.40 5.08
N ALA B 412 -13.39 -36.57 5.40
CA ALA B 412 -13.14 -35.22 5.87
C ALA B 412 -13.55 -35.15 7.33
N VAL B 413 -12.61 -34.78 8.19
CA VAL B 413 -12.89 -34.65 9.62
C VAL B 413 -12.97 -33.15 9.91
N GLU B 414 -14.20 -32.66 10.03
CA GLU B 414 -14.48 -31.25 10.26
C GLU B 414 -14.19 -30.74 11.66
N GLY B 415 -13.68 -29.50 11.73
CA GLY B 415 -13.39 -28.91 13.02
C GLY B 415 -11.90 -28.66 13.24
N ASP B 416 -11.57 -28.36 14.49
CA ASP B 416 -10.20 -28.08 14.88
C ASP B 416 -9.40 -29.38 14.78
N ALA B 417 -8.31 -29.35 14.01
CA ALA B 417 -7.48 -30.53 13.81
C ALA B 417 -6.94 -31.12 15.11
N THR B 418 -6.35 -30.28 15.96
CA THR B 418 -5.78 -30.74 17.22
C THR B 418 -6.81 -31.44 18.08
N THR B 419 -7.98 -30.83 18.22
CA THR B 419 -9.05 -31.40 19.02
C THR B 419 -9.46 -32.76 18.47
N ASN B 420 -9.56 -32.85 17.15
CA ASN B 420 -9.96 -34.10 16.53
C ASN B 420 -8.90 -35.20 16.59
N LEU B 421 -7.62 -34.81 16.55
CA LEU B 421 -6.55 -35.80 16.67
C LEU B 421 -6.62 -36.38 18.09
N GLY B 422 -6.97 -35.53 19.05
CA GLY B 422 -7.06 -35.99 20.42
C GLY B 422 -8.16 -37.02 20.62
N LYS B 423 -9.28 -36.83 19.95
CA LYS B 423 -10.41 -37.74 20.05
C LYS B 423 -10.17 -39.05 19.31
N MET B 424 -9.32 -38.99 18.29
CA MET B 424 -9.02 -40.17 17.48
C MET B 424 -7.91 -41.07 18.03
N MET B 425 -6.97 -40.48 18.76
CA MET B 425 -5.82 -41.21 19.28
C MET B 425 -6.05 -42.62 19.80
N SER B 426 -6.99 -42.80 20.72
CA SER B 426 -7.26 -44.11 21.32
C SER B 426 -7.77 -45.15 20.33
N LYS B 427 -8.22 -44.72 19.17
CA LYS B 427 -8.74 -45.64 18.17
C LYS B 427 -7.64 -46.09 17.20
N ILE B 428 -6.48 -45.46 17.31
CA ILE B 428 -5.34 -45.79 16.44
C ILE B 428 -4.54 -46.96 17.03
N PHE B 429 -4.38 -48.02 16.25
CA PHE B 429 -3.63 -49.19 16.68
C PHE B 429 -2.14 -48.86 16.72
N PRO B 430 -1.48 -49.10 17.86
CA PRO B 430 -0.05 -48.83 17.97
C PRO B 430 0.70 -49.68 16.95
N VAL B 431 1.67 -49.08 16.26
CA VAL B 431 2.45 -49.80 15.27
C VAL B 431 3.88 -50.03 15.76
N LYS B 432 4.36 -51.26 15.62
CA LYS B 432 5.71 -51.59 16.06
C LYS B 432 6.76 -50.97 15.14
N GLU B 433 6.57 -51.10 13.84
CA GLU B 433 7.53 -50.55 12.89
C GLU B 433 7.05 -50.61 11.45
N ARG B 434 7.68 -49.80 10.60
CA ARG B 434 7.39 -49.76 9.17
C ARG B 434 8.75 -49.79 8.49
N SER B 435 9.47 -50.88 8.72
CA SER B 435 10.83 -51.08 8.20
C SER B 435 11.00 -50.83 6.72
N GLU B 436 10.14 -51.44 5.91
CA GLU B 436 10.23 -51.28 4.46
C GLU B 436 9.95 -49.86 4.01
N TRP B 437 8.87 -49.27 4.53
CA TRP B 437 8.49 -47.89 4.18
C TRP B 437 9.62 -46.95 4.57
N PHE B 438 10.10 -47.09 5.80
CA PHE B 438 11.19 -46.25 6.28
C PHE B 438 12.51 -46.44 5.52
N ALA B 439 12.80 -47.68 5.14
CA ALA B 439 14.02 -47.96 4.40
C ALA B 439 14.00 -47.22 3.07
N GLN B 440 12.86 -47.27 2.40
CA GLN B 440 12.69 -46.58 1.12
C GLN B 440 12.89 -45.07 1.31
N ILE B 441 12.30 -44.54 2.37
CA ILE B 441 12.39 -43.13 2.68
C ILE B 441 13.84 -42.72 2.96
N ASN B 442 14.57 -43.58 3.68
CA ASN B 442 15.96 -43.27 3.99
C ASN B 442 16.86 -43.32 2.77
N LYS B 443 16.51 -44.15 1.79
CA LYS B 443 17.31 -44.24 0.57
C LYS B 443 17.13 -42.90 -0.15
N TRP B 444 15.93 -42.36 -0.12
CA TRP B 444 15.65 -41.08 -0.76
C TRP B 444 16.39 -39.95 -0.05
N LYS B 445 16.45 -40.02 1.27
CA LYS B 445 17.13 -38.99 2.04
C LYS B 445 18.63 -38.95 1.73
N LYS B 446 19.25 -40.12 1.59
CA LYS B 446 20.68 -40.19 1.27
C LYS B 446 20.91 -39.76 -0.17
N GLU B 447 19.97 -40.11 -1.04
CA GLU B 447 20.07 -39.80 -2.45
C GLU B 447 19.76 -38.34 -2.82
N TYR B 448 18.78 -37.73 -2.16
CA TYR B 448 18.43 -36.36 -2.51
C TYR B 448 18.51 -35.28 -1.44
N PRO B 449 19.71 -34.96 -0.94
CA PRO B 449 19.78 -33.91 0.09
C PRO B 449 19.60 -32.56 -0.62
N TYR B 450 19.48 -31.48 0.14
CA TYR B 450 19.33 -30.15 -0.46
C TYR B 450 20.67 -29.67 -1.02
N ALA B 451 21.17 -30.35 -2.05
CA ALA B 451 22.46 -30.01 -2.64
C ALA B 451 22.49 -28.67 -3.40
N TYR B 452 23.66 -28.04 -3.40
CA TYR B 452 23.84 -26.78 -4.09
C TYR B 452 25.33 -26.53 -4.32
N MET B 453 25.66 -25.53 -5.12
CA MET B 453 27.06 -25.22 -5.40
C MET B 453 27.66 -24.47 -4.23
N GLU B 454 28.48 -25.17 -3.47
CA GLU B 454 29.11 -24.58 -2.30
C GLU B 454 30.27 -23.66 -2.67
N GLU B 455 30.72 -22.89 -1.68
CA GLU B 455 31.81 -21.94 -1.88
C GLU B 455 33.07 -22.59 -2.45
N THR B 456 33.76 -21.86 -3.31
CA THR B 456 35.01 -22.32 -3.92
C THR B 456 35.97 -21.14 -3.74
N PRO B 457 37.29 -21.38 -3.86
CA PRO B 457 38.24 -20.29 -3.68
C PRO B 457 37.92 -19.03 -4.49
N GLY B 458 37.92 -17.89 -3.81
CA GLY B 458 37.63 -16.62 -4.47
C GLY B 458 36.18 -16.35 -4.83
N SER B 459 35.31 -17.35 -4.76
CA SER B 459 33.90 -17.14 -5.11
C SER B 459 33.19 -16.29 -4.09
N LYS B 460 32.02 -15.79 -4.46
CA LYS B 460 31.22 -15.00 -3.53
C LYS B 460 30.58 -15.98 -2.56
N ILE B 461 30.06 -15.45 -1.45
CA ILE B 461 29.40 -16.28 -0.46
C ILE B 461 28.12 -16.86 -1.07
N LYS B 462 27.79 -18.08 -0.70
CA LYS B 462 26.58 -18.73 -1.22
C LYS B 462 25.42 -18.49 -0.25
N PRO B 463 24.25 -18.09 -0.78
CA PRO B 463 23.10 -17.83 0.09
C PRO B 463 22.68 -19.01 0.95
N GLN B 464 22.72 -20.21 0.40
CA GLN B 464 22.33 -21.40 1.16
C GLN B 464 23.27 -21.61 2.34
N THR B 465 24.55 -21.27 2.15
CA THR B 465 25.54 -21.42 3.21
C THR B 465 25.26 -20.46 4.36
N VAL B 466 24.83 -19.25 4.03
CA VAL B 466 24.52 -18.26 5.06
C VAL B 466 23.41 -18.77 5.97
N ILE B 467 22.35 -19.33 5.38
CA ILE B 467 21.22 -19.83 6.15
C ILE B 467 21.66 -20.95 7.10
N LYS B 468 22.41 -21.91 6.57
CA LYS B 468 22.88 -23.02 7.39
C LYS B 468 23.71 -22.54 8.57
N LYS B 469 24.64 -21.62 8.30
CA LYS B 469 25.49 -21.10 9.36
C LYS B 469 24.70 -20.31 10.40
N LEU B 470 23.80 -19.44 9.94
CA LEU B 470 23.00 -18.63 10.85
C LEU B 470 22.07 -19.49 11.70
N SER B 471 21.51 -20.52 11.09
CA SER B 471 20.61 -21.42 11.82
C SER B 471 21.33 -21.98 13.05
N LYS B 472 22.59 -22.35 12.84
CA LYS B 472 23.38 -22.91 13.93
C LYS B 472 23.77 -21.86 14.96
N VAL B 473 24.23 -20.70 14.51
CA VAL B 473 24.61 -19.63 15.42
C VAL B 473 23.42 -19.16 16.26
N ALA B 474 22.30 -18.90 15.61
CA ALA B 474 21.11 -18.45 16.31
C ALA B 474 20.62 -19.51 17.30
N ASN B 475 20.45 -20.73 16.79
CA ASN B 475 19.99 -21.85 17.61
C ASN B 475 20.88 -22.14 18.81
N ASP B 476 22.17 -21.87 18.64
CA ASP B 476 23.14 -22.15 19.70
C ASP B 476 23.10 -21.16 20.86
N THR B 477 22.48 -20.00 20.65
CA THR B 477 22.38 -18.98 21.69
C THR B 477 21.58 -19.47 22.89
N GLY B 478 20.65 -20.39 22.66
CA GLY B 478 19.83 -20.89 23.73
C GLY B 478 18.56 -20.07 23.90
N ARG B 479 18.48 -18.97 23.15
CA ARG B 479 17.32 -18.09 23.21
C ARG B 479 16.20 -18.60 22.31
N HIS B 480 15.00 -18.05 22.51
CA HIS B 480 13.86 -18.42 21.68
C HIS B 480 14.07 -17.62 20.40
N VAL B 481 14.10 -18.30 19.27
CA VAL B 481 14.35 -17.70 17.97
C VAL B 481 13.13 -17.66 17.07
N ILE B 482 12.88 -16.49 16.47
CA ILE B 482 11.76 -16.31 15.57
C ILE B 482 12.34 -15.75 14.27
N VAL B 483 11.94 -16.35 13.15
CA VAL B 483 12.41 -15.93 11.85
C VAL B 483 11.29 -15.42 10.94
N THR B 484 11.48 -14.24 10.37
CA THR B 484 10.52 -13.69 9.42
C THR B 484 11.32 -13.58 8.13
N THR B 485 10.65 -13.41 6.99
CA THR B 485 11.36 -13.29 5.72
C THR B 485 10.65 -12.39 4.74
N GLY B 486 11.30 -12.18 3.61
CA GLY B 486 10.70 -11.41 2.54
C GLY B 486 10.15 -12.50 1.62
N VAL B 487 10.02 -12.20 0.34
CA VAL B 487 9.48 -13.17 -0.60
C VAL B 487 10.47 -13.41 -1.73
N GLY B 488 10.73 -14.68 -2.03
CA GLY B 488 11.66 -15.02 -3.09
C GLY B 488 12.58 -16.17 -2.73
N GLN B 489 13.75 -16.20 -3.35
CA GLN B 489 14.71 -17.28 -3.13
C GLN B 489 15.23 -17.36 -1.71
N HIS B 490 15.54 -16.21 -1.11
CA HIS B 490 16.05 -16.19 0.25
C HIS B 490 15.02 -16.83 1.18
N GLN B 491 13.75 -16.61 0.88
CA GLN B 491 12.64 -17.16 1.65
C GLN B 491 12.62 -18.68 1.53
N MET B 492 12.82 -19.20 0.32
CA MET B 492 12.84 -20.64 0.11
C MET B 492 14.08 -21.27 0.74
N TRP B 493 15.22 -20.60 0.63
CA TRP B 493 16.45 -21.13 1.21
C TRP B 493 16.37 -21.13 2.74
N ALA B 494 15.68 -20.14 3.29
CA ALA B 494 15.49 -20.06 4.73
C ALA B 494 14.64 -21.25 5.14
N ALA B 495 13.59 -21.52 4.37
CA ALA B 495 12.67 -22.62 4.65
C ALA B 495 13.38 -23.97 4.59
N GLN B 496 14.17 -24.18 3.54
CA GLN B 496 14.89 -25.44 3.34
C GLN B 496 16.06 -25.71 4.29
N HIS B 497 16.95 -24.72 4.41
CA HIS B 497 18.16 -24.88 5.19
C HIS B 497 18.18 -24.58 6.67
N TRP B 498 17.11 -23.99 7.20
CA TRP B 498 17.07 -23.72 8.63
C TRP B 498 16.59 -25.02 9.28
N THR B 499 16.96 -25.25 10.53
CA THR B 499 16.53 -26.45 11.22
C THR B 499 15.32 -26.06 12.07
N TRP B 500 14.13 -26.44 11.62
CA TRP B 500 12.90 -26.10 12.34
C TRP B 500 12.57 -27.08 13.45
N ARG B 501 12.31 -26.54 14.64
CA ARG B 501 11.98 -27.36 15.80
C ARG B 501 10.87 -26.81 16.70
N ASN B 502 10.68 -25.49 16.69
CA ASN B 502 9.68 -24.87 17.57
C ASN B 502 8.50 -24.24 16.87
N PRO B 503 7.28 -24.42 17.43
CA PRO B 503 6.07 -23.86 16.85
C PRO B 503 6.02 -22.34 16.93
N HIS B 504 5.47 -21.72 15.89
CA HIS B 504 5.34 -20.27 15.83
C HIS B 504 6.69 -19.55 15.74
N THR B 505 7.65 -20.16 15.06
CA THR B 505 8.96 -19.54 14.91
C THR B 505 9.32 -19.17 13.48
N PHE B 506 8.43 -19.48 12.54
CA PHE B 506 8.63 -19.13 11.15
C PHE B 506 7.44 -18.28 10.72
N ILE B 507 7.69 -17.01 10.48
CA ILE B 507 6.65 -16.06 10.10
C ILE B 507 6.95 -15.55 8.69
N THR B 508 6.27 -16.11 7.71
CA THR B 508 6.50 -15.75 6.32
C THR B 508 5.21 -15.60 5.53
N SER B 509 5.26 -14.82 4.46
CA SER B 509 4.10 -14.58 3.61
C SER B 509 4.05 -15.65 2.52
N GLY B 510 3.08 -16.55 2.63
CA GLY B 510 2.99 -17.64 1.67
C GLY B 510 1.90 -17.61 0.61
N GLY B 511 0.66 -17.31 1.00
CA GLY B 511 -0.43 -17.30 0.04
C GLY B 511 -0.37 -16.17 -0.96
N LEU B 512 -0.27 -14.94 -0.47
CA LEU B 512 -0.21 -13.76 -1.32
C LEU B 512 1.25 -13.49 -1.71
N GLY B 513 2.18 -13.89 -0.84
CA GLY B 513 3.60 -13.68 -1.12
C GLY B 513 3.94 -12.21 -1.26
N THR B 514 3.72 -11.45 -0.20
CA THR B 514 3.97 -10.02 -0.21
C THR B 514 5.42 -9.61 0.09
N MET B 515 6.13 -9.11 -0.92
CA MET B 515 7.49 -8.63 -0.73
C MET B 515 7.40 -7.44 0.21
N GLY B 516 8.34 -7.32 1.15
CA GLY B 516 8.31 -6.21 2.08
C GLY B 516 7.77 -6.63 3.43
N TYR B 517 7.28 -7.86 3.51
CA TYR B 517 6.72 -8.40 4.74
C TYR B 517 7.75 -8.55 5.86
N GLY B 518 8.94 -8.99 5.49
CA GLY B 518 10.00 -9.25 6.44
C GLY B 518 10.27 -8.31 7.60
N LEU B 519 10.58 -7.05 7.30
CA LEU B 519 10.90 -6.09 8.34
C LEU B 519 9.75 -5.77 9.30
N PRO B 520 8.61 -5.28 8.78
CA PRO B 520 7.51 -4.97 9.70
C PRO B 520 7.01 -6.19 10.47
N ALA B 521 6.96 -7.35 9.82
CA ALA B 521 6.52 -8.56 10.50
C ALA B 521 7.46 -8.85 11.67
N ALA B 522 8.75 -8.65 11.47
CA ALA B 522 9.72 -8.89 12.53
C ALA B 522 9.49 -7.92 13.68
N ILE B 523 9.20 -6.67 13.36
CA ILE B 523 8.95 -5.67 14.39
C ILE B 523 7.72 -6.09 15.20
N GLY B 524 6.66 -6.50 14.52
CA GLY B 524 5.46 -6.93 15.21
C GLY B 524 5.72 -8.17 16.06
N ALA B 525 6.48 -9.11 15.52
CA ALA B 525 6.80 -10.34 16.23
C ALA B 525 7.62 -10.03 17.47
N GLN B 526 8.52 -9.06 17.37
CA GLN B 526 9.35 -8.69 18.50
C GLN B 526 8.50 -8.04 19.61
N VAL B 527 7.51 -7.25 19.21
CA VAL B 527 6.62 -6.62 20.18
C VAL B 527 5.84 -7.70 20.93
N ALA B 528 5.44 -8.75 20.21
CA ALA B 528 4.71 -9.85 20.81
C ALA B 528 5.59 -10.66 21.76
N LYS B 529 6.84 -10.84 21.37
CA LYS B 529 7.81 -11.62 22.15
C LYS B 529 9.07 -10.80 22.40
N PRO B 530 9.03 -9.89 23.40
CA PRO B 530 10.16 -9.02 23.74
C PRO B 530 11.48 -9.72 24.06
N GLU B 531 11.41 -10.95 24.57
CA GLU B 531 12.63 -11.68 24.93
C GLU B 531 13.23 -12.54 23.81
N SER B 532 12.47 -12.74 22.72
CA SER B 532 12.95 -13.57 21.63
C SER B 532 13.97 -12.90 20.73
N LEU B 533 14.81 -13.72 20.09
CA LEU B 533 15.79 -13.25 19.13
C LEU B 533 15.00 -13.27 17.84
N VAL B 534 14.69 -12.09 17.30
CA VAL B 534 13.91 -12.02 16.07
C VAL B 534 14.77 -11.65 14.88
N ILE B 535 14.84 -12.58 13.92
CA ILE B 535 15.64 -12.39 12.72
C ILE B 535 14.83 -12.34 11.45
N ASP B 536 15.06 -11.30 10.65
CA ASP B 536 14.40 -11.14 9.37
C ASP B 536 15.39 -11.53 8.29
N ILE B 537 15.17 -12.68 7.66
CA ILE B 537 16.01 -13.14 6.57
C ILE B 537 15.32 -12.55 5.35
N ASP B 538 15.88 -11.45 4.86
CA ASP B 538 15.31 -10.70 3.76
C ASP B 538 16.07 -10.74 2.43
N GLY B 539 15.37 -10.32 1.38
CA GLY B 539 15.96 -10.24 0.05
C GLY B 539 16.18 -8.76 -0.18
N ASP B 540 17.08 -8.39 -1.10
CA ASP B 540 17.34 -6.98 -1.35
C ASP B 540 16.14 -6.26 -1.96
N ALA B 541 15.48 -6.88 -2.93
CA ALA B 541 14.32 -6.24 -3.55
C ALA B 541 13.15 -6.17 -2.57
N SER B 542 12.93 -7.23 -1.80
CA SER B 542 11.84 -7.25 -0.83
C SER B 542 12.06 -6.18 0.23
N PHE B 543 13.30 -6.05 0.68
CA PHE B 543 13.65 -5.08 1.71
C PHE B 543 13.36 -3.65 1.27
N ASN B 544 13.65 -3.33 0.00
CA ASN B 544 13.41 -1.98 -0.52
C ASN B 544 11.94 -1.56 -0.42
N MET B 545 11.05 -2.53 -0.52
CA MET B 545 9.61 -2.23 -0.45
C MET B 545 9.21 -1.46 0.81
N THR B 546 9.69 -1.92 1.96
CA THR B 546 9.30 -1.31 3.23
C THR B 546 10.43 -0.85 4.14
N LEU B 547 11.62 -0.63 3.59
CA LEU B 547 12.76 -0.23 4.41
C LEU B 547 12.56 1.03 5.27
N THR B 548 11.55 1.83 4.98
CA THR B 548 11.33 3.02 5.80
C THR B 548 10.97 2.66 7.24
N GLU B 549 10.47 1.44 7.46
CA GLU B 549 10.10 1.01 8.80
C GLU B 549 11.30 0.77 9.71
N LEU B 550 12.51 0.94 9.20
CA LEU B 550 13.70 0.75 10.02
C LEU B 550 13.66 1.72 11.19
N SER B 551 13.29 2.96 10.92
CA SER B 551 13.21 3.96 11.98
C SER B 551 12.12 3.60 12.99
N SER B 552 11.08 2.92 12.51
CA SER B 552 9.99 2.49 13.39
C SER B 552 10.51 1.49 14.41
N ALA B 553 11.43 0.63 13.98
CA ALA B 553 12.02 -0.37 14.86
C ALA B 553 12.75 0.33 16.00
N VAL B 554 13.47 1.39 15.67
CA VAL B 554 14.21 2.15 16.68
C VAL B 554 13.21 2.82 17.63
N GLN B 555 12.22 3.50 17.07
CA GLN B 555 11.22 4.17 17.90
C GLN B 555 10.42 3.19 18.77
N ALA B 556 10.17 1.99 18.26
CA ALA B 556 9.41 0.99 19.01
C ALA B 556 10.27 0.24 20.03
N GLY B 557 11.58 0.41 19.95
CA GLY B 557 12.47 -0.27 20.86
C GLY B 557 12.55 -1.77 20.62
N THR B 558 12.38 -2.20 19.37
CA THR B 558 12.46 -3.61 19.03
C THR B 558 13.83 -3.92 18.42
N PRO B 559 14.68 -4.67 19.13
CA PRO B 559 16.03 -5.03 18.64
C PRO B 559 16.06 -6.12 17.58
N VAL B 560 15.33 -5.92 16.50
CA VAL B 560 15.29 -6.91 15.42
C VAL B 560 16.63 -7.04 14.69
N LYS B 561 16.92 -8.25 14.20
CA LYS B 561 18.15 -8.50 13.46
C LYS B 561 17.77 -8.66 12.00
N ILE B 562 18.14 -7.69 11.18
CA ILE B 562 17.81 -7.72 9.76
C ILE B 562 18.94 -8.26 8.91
N LEU B 563 18.68 -9.39 8.25
CA LEU B 563 19.67 -10.01 7.38
C LEU B 563 19.27 -9.82 5.93
N ILE B 564 20.16 -9.24 5.13
CA ILE B 564 19.86 -9.05 3.72
C ILE B 564 20.77 -9.92 2.85
N LEU B 565 20.20 -10.92 2.20
CA LEU B 565 20.98 -11.78 1.31
C LEU B 565 20.90 -11.03 -0.01
N ASN B 566 21.85 -10.12 -0.21
CA ASN B 566 21.88 -9.29 -1.40
C ASN B 566 22.50 -9.90 -2.66
N ASN B 567 21.64 -10.22 -3.62
CA ASN B 567 22.11 -10.77 -4.90
C ASN B 567 21.84 -9.73 -5.99
N GLU B 568 21.51 -8.51 -5.56
CA GLU B 568 21.24 -7.41 -6.47
C GLU B 568 20.28 -7.79 -7.58
N GLU B 569 19.21 -8.51 -7.23
CA GLU B 569 18.24 -8.94 -8.23
C GLU B 569 16.96 -9.43 -7.57
N GLN B 570 15.91 -9.55 -8.38
CA GLN B 570 14.64 -10.09 -7.93
C GLN B 570 14.83 -11.57 -8.27
N GLY B 571 15.57 -12.26 -7.42
CA GLY B 571 15.91 -13.65 -7.62
C GLY B 571 14.90 -14.67 -8.10
N MET B 572 13.75 -14.75 -7.43
CA MET B 572 12.74 -15.73 -7.81
C MET B 572 12.24 -15.45 -9.22
N VAL B 573 12.19 -14.18 -9.61
CA VAL B 573 11.74 -13.83 -10.94
C VAL B 573 12.83 -14.08 -11.97
N THR B 574 14.09 -13.75 -11.66
CA THR B 574 15.15 -14.03 -12.62
C THR B 574 15.28 -15.54 -12.80
N GLN B 575 15.01 -16.31 -11.74
CA GLN B 575 15.09 -17.76 -11.86
C GLN B 575 14.07 -18.25 -12.88
N TRP B 576 12.87 -17.71 -12.85
CA TRP B 576 11.85 -18.12 -13.80
C TRP B 576 12.17 -17.61 -15.20
N GLN B 577 12.84 -16.46 -15.27
CA GLN B 577 13.19 -15.90 -16.57
C GLN B 577 14.32 -16.75 -17.19
N SER B 578 15.22 -17.24 -16.34
CA SER B 578 16.32 -18.08 -16.80
C SER B 578 15.77 -19.39 -17.35
N LEU B 579 14.83 -19.98 -16.61
CA LEU B 579 14.24 -21.26 -16.98
C LEU B 579 13.20 -21.23 -18.12
N PHE B 580 12.29 -20.26 -18.08
CA PHE B 580 11.23 -20.21 -19.08
C PHE B 580 11.30 -19.13 -20.14
N TYR B 581 12.16 -18.12 -19.97
CA TYR B 581 12.26 -17.07 -20.96
C TYR B 581 13.66 -16.89 -21.50
N GLU B 582 14.34 -18.02 -21.70
CA GLU B 582 15.69 -18.05 -22.24
C GLU B 582 16.62 -16.96 -21.75
N HIS B 583 16.67 -16.79 -20.44
CA HIS B 583 17.53 -15.82 -19.79
C HIS B 583 17.31 -14.34 -20.15
N ARG B 584 16.07 -13.99 -20.47
CA ARG B 584 15.76 -12.59 -20.78
C ARG B 584 15.26 -11.95 -19.49
N TYR B 585 16.11 -11.15 -18.86
CA TYR B 585 15.76 -10.50 -17.61
C TYR B 585 15.14 -9.14 -17.84
N SER B 586 13.81 -9.13 -17.89
CA SER B 586 13.07 -7.91 -18.12
C SER B 586 12.73 -7.17 -16.83
N HIS B 587 13.45 -6.09 -16.59
CA HIS B 587 13.24 -5.21 -15.44
C HIS B 587 13.25 -5.89 -14.07
N THR B 588 14.14 -6.84 -13.88
CA THR B 588 14.24 -7.57 -12.63
C THR B 588 15.50 -7.24 -11.84
N HIS B 589 16.14 -6.12 -12.15
CA HIS B 589 17.34 -5.70 -11.42
C HIS B 589 17.19 -4.25 -10.97
N GLN B 590 16.84 -4.09 -9.69
CA GLN B 590 16.65 -2.76 -9.12
C GLN B 590 17.96 -2.24 -8.55
N LEU B 591 18.15 -0.92 -8.61
CA LEU B 591 19.37 -0.30 -8.09
C LEU B 591 19.23 -0.09 -6.58
N ASN B 592 20.04 -0.82 -5.82
CA ASN B 592 20.01 -0.75 -4.36
C ASN B 592 20.76 0.41 -3.75
N PRO B 593 20.29 0.92 -2.60
CA PRO B 593 20.98 2.02 -1.93
C PRO B 593 22.06 1.34 -1.10
N ASP B 594 22.89 2.13 -0.42
CA ASP B 594 23.93 1.54 0.43
C ASP B 594 23.19 1.13 1.71
N PHE B 595 22.98 -0.17 1.89
CA PHE B 595 22.25 -0.67 3.06
C PHE B 595 22.87 -0.36 4.42
N ILE B 596 24.19 -0.34 4.49
CA ILE B 596 24.87 -0.05 5.75
C ILE B 596 24.69 1.43 6.12
N LYS B 597 24.85 2.31 5.15
CA LYS B 597 24.68 3.73 5.42
C LYS B 597 23.21 4.02 5.70
N LEU B 598 22.34 3.25 5.07
CA LEU B 598 20.90 3.40 5.27
C LEU B 598 20.57 3.05 6.73
N ALA B 599 21.07 1.91 7.18
CA ALA B 599 20.84 1.46 8.54
C ALA B 599 21.30 2.51 9.56
N GLU B 600 22.51 3.03 9.36
CA GLU B 600 23.05 4.05 10.25
C GLU B 600 22.20 5.31 10.23
N ALA B 601 21.77 5.72 9.03
CA ALA B 601 20.94 6.92 8.89
C ALA B 601 19.63 6.73 9.65
N MET B 602 19.15 5.49 9.69
CA MET B 602 17.91 5.15 10.37
C MET B 602 18.10 4.92 11.87
N GLY B 603 19.35 5.00 12.32
CA GLY B 603 19.62 4.83 13.74
C GLY B 603 19.94 3.42 14.21
N LEU B 604 20.31 2.55 13.29
CA LEU B 604 20.66 1.16 13.61
C LEU B 604 22.13 0.91 13.31
N LYS B 605 22.65 -0.18 13.87
CA LYS B 605 24.02 -0.58 13.62
C LYS B 605 24.00 -1.25 12.25
N GLY B 606 24.99 -0.96 11.41
CA GLY B 606 25.05 -1.56 10.09
C GLY B 606 26.30 -2.40 9.91
N LEU B 607 26.15 -3.58 9.29
CA LEU B 607 27.26 -4.48 9.07
C LEU B 607 27.19 -5.06 7.68
N ARG B 608 28.35 -5.28 7.06
CA ARG B 608 28.42 -5.85 5.73
C ARG B 608 29.50 -6.93 5.67
N VAL B 609 29.25 -7.97 4.88
CA VAL B 609 30.20 -9.06 4.71
C VAL B 609 30.28 -9.39 3.22
N LYS B 610 31.51 -9.54 2.72
CA LYS B 610 31.71 -9.86 1.31
C LYS B 610 32.58 -11.11 1.19
N LYS B 611 33.56 -11.22 2.10
CA LYS B 611 34.49 -12.34 2.09
C LYS B 611 34.08 -13.55 2.92
N GLN B 612 34.23 -14.72 2.31
CA GLN B 612 33.92 -15.98 2.96
C GLN B 612 34.56 -16.09 4.33
N GLU B 613 35.81 -15.64 4.41
CA GLU B 613 36.59 -15.70 5.64
C GLU B 613 36.04 -14.90 6.81
N GLU B 614 35.19 -13.92 6.53
CA GLU B 614 34.64 -13.10 7.60
C GLU B 614 33.19 -13.42 7.96
N LEU B 615 32.58 -14.35 7.24
CA LEU B 615 31.18 -14.68 7.49
C LEU B 615 30.89 -15.12 8.92
N ASP B 616 31.64 -16.09 9.44
CA ASP B 616 31.40 -16.58 10.79
C ASP B 616 31.46 -15.47 11.86
N ALA B 617 32.49 -14.63 11.79
CA ALA B 617 32.64 -13.56 12.76
C ALA B 617 31.50 -12.54 12.67
N LYS B 618 31.11 -12.19 11.45
CA LYS B 618 30.04 -11.23 11.24
C LYS B 618 28.68 -11.77 11.71
N LEU B 619 28.43 -13.06 11.46
CA LEU B 619 27.17 -13.66 11.89
C LEU B 619 27.09 -13.66 13.41
N LYS B 620 28.23 -13.94 14.06
CA LYS B 620 28.26 -13.96 15.52
C LYS B 620 28.08 -12.56 16.08
N GLU B 621 28.69 -11.56 15.44
CA GLU B 621 28.55 -10.19 15.91
C GLU B 621 27.09 -9.78 15.73
N PHE B 622 26.53 -10.17 14.59
CA PHE B 622 25.14 -9.90 14.23
C PHE B 622 24.18 -10.35 15.31
N VAL B 623 24.25 -11.64 15.66
CA VAL B 623 23.38 -12.23 16.67
C VAL B 623 23.60 -11.71 18.09
N SER B 624 24.83 -11.36 18.45
CA SER B 624 25.08 -10.89 19.80
C SER B 624 24.95 -9.37 20.00
N THR B 625 24.71 -8.62 18.92
CA THR B 625 24.55 -7.19 19.04
C THR B 625 23.28 -7.00 19.89
N LYS B 626 23.26 -5.99 20.76
CA LYS B 626 22.11 -5.78 21.64
C LYS B 626 20.90 -5.05 21.05
N GLY B 627 21.15 -3.98 20.32
CA GLY B 627 20.03 -3.25 19.75
C GLY B 627 19.66 -3.72 18.36
N PRO B 628 18.86 -2.93 17.61
CA PRO B 628 18.50 -3.38 16.26
C PRO B 628 19.77 -3.32 15.40
N VAL B 629 19.90 -4.25 14.47
CA VAL B 629 21.07 -4.27 13.63
C VAL B 629 20.77 -4.87 12.27
N LEU B 630 21.46 -4.35 11.25
CA LEU B 630 21.27 -4.86 9.90
C LEU B 630 22.60 -5.42 9.39
N LEU B 631 22.54 -6.61 8.80
CA LEU B 631 23.72 -7.26 8.24
C LEU B 631 23.47 -7.58 6.78
N GLU B 632 24.28 -6.99 5.91
CA GLU B 632 24.16 -7.25 4.48
C GLU B 632 25.21 -8.29 4.11
N VAL B 633 24.79 -9.34 3.44
CA VAL B 633 25.70 -10.36 2.99
C VAL B 633 25.62 -10.36 1.48
N GLU B 634 26.73 -10.08 0.82
CA GLU B 634 26.76 -10.10 -0.63
C GLU B 634 26.81 -11.57 -1.00
N VAL B 635 25.84 -12.04 -1.77
CA VAL B 635 25.83 -13.44 -2.15
C VAL B 635 25.92 -13.60 -3.66
N ASP B 636 26.23 -14.81 -4.09
CA ASP B 636 26.36 -15.15 -5.50
C ASP B 636 25.05 -14.86 -6.23
N LYS B 637 25.13 -14.57 -7.51
CA LYS B 637 23.96 -14.22 -8.31
C LYS B 637 23.47 -15.30 -9.27
N LYS B 638 22.21 -15.19 -9.68
CA LYS B 638 21.60 -16.13 -10.61
C LYS B 638 21.74 -17.59 -10.16
N VAL B 639 21.52 -17.84 -8.88
CA VAL B 639 21.60 -19.18 -8.32
C VAL B 639 20.16 -19.67 -8.14
N PRO B 640 19.79 -20.77 -8.79
CA PRO B 640 18.41 -21.27 -8.65
C PRO B 640 18.14 -22.06 -7.38
N VAL B 641 16.88 -21.98 -6.93
CA VAL B 641 16.44 -22.72 -5.76
C VAL B 641 16.05 -24.08 -6.32
N LEU B 642 16.62 -25.16 -5.77
CA LEU B 642 16.31 -26.50 -6.22
C LEU B 642 16.19 -27.39 -4.99
N PRO B 643 15.44 -28.50 -5.09
CA PRO B 643 14.72 -29.01 -6.25
C PRO B 643 13.61 -28.06 -6.66
N MET B 644 13.03 -28.32 -7.82
CA MET B 644 11.95 -27.49 -8.32
C MET B 644 10.95 -28.30 -9.14
N VAL B 645 9.68 -28.13 -8.80
CA VAL B 645 8.58 -28.78 -9.49
C VAL B 645 7.70 -27.65 -10.00
N ALA B 646 7.64 -27.49 -11.32
CA ALA B 646 6.85 -26.43 -11.92
C ALA B 646 6.19 -26.88 -13.22
N GLY B 647 5.27 -26.05 -13.72
CA GLY B 647 4.59 -26.37 -14.96
C GLY B 647 3.64 -27.55 -14.81
N GLY B 648 3.72 -28.49 -15.73
CA GLY B 648 2.86 -29.66 -15.69
C GLY B 648 3.53 -30.84 -15.01
N SER B 649 4.68 -30.58 -14.36
CA SER B 649 5.42 -31.63 -13.67
C SER B 649 4.70 -32.12 -12.41
N GLY B 650 4.87 -33.40 -12.11
CA GLY B 650 4.27 -33.96 -10.92
C GLY B 650 5.31 -33.79 -9.81
N LEU B 651 4.91 -33.98 -8.56
CA LEU B 651 5.84 -33.81 -7.45
C LEU B 651 7.08 -34.70 -7.59
N ASP B 652 6.96 -35.79 -8.33
CA ASP B 652 8.09 -36.69 -8.50
C ASP B 652 8.91 -36.38 -9.77
N GLU B 653 8.49 -35.37 -10.52
CA GLU B 653 9.20 -34.98 -11.73
C GLU B 653 9.95 -33.67 -11.49
N PHE B 654 10.70 -33.63 -10.39
CA PHE B 654 11.43 -32.44 -10.02
C PHE B 654 12.77 -32.30 -10.74
N ILE B 655 13.29 -31.08 -10.73
CA ILE B 655 14.58 -30.79 -11.32
C ILE B 655 15.51 -30.80 -10.11
N ASN B 656 16.64 -31.49 -10.23
CA ASN B 656 17.57 -31.58 -9.12
C ASN B 656 18.86 -30.82 -9.42
N PHE B 657 19.58 -30.44 -8.38
CA PHE B 657 20.83 -29.73 -8.54
C PHE B 657 21.87 -30.62 -9.23
N ASP B 658 22.62 -30.02 -10.14
CA ASP B 658 23.67 -30.71 -10.89
C ASP B 658 24.75 -29.65 -11.14
N PRO B 659 25.91 -29.77 -10.48
CA PRO B 659 26.99 -28.79 -10.67
C PRO B 659 27.41 -28.57 -12.12
N GLU B 660 27.36 -29.64 -12.91
CA GLU B 660 27.75 -29.55 -14.31
C GLU B 660 26.75 -28.69 -15.08
N VAL B 661 25.46 -28.92 -14.82
CA VAL B 661 24.41 -28.17 -15.47
C VAL B 661 24.46 -26.70 -15.05
N GLU B 662 24.76 -26.42 -13.78
CA GLU B 662 24.85 -25.03 -13.33
C GLU B 662 25.94 -24.29 -14.10
N ARG B 663 27.07 -24.97 -14.31
CA ARG B 663 28.19 -24.35 -15.02
C ARG B 663 27.83 -24.08 -16.48
N GLN B 664 27.14 -25.02 -17.12
CA GLN B 664 26.74 -24.85 -18.50
C GLN B 664 25.71 -23.73 -18.63
N GLN B 665 24.77 -23.68 -17.69
CA GLN B 665 23.74 -22.65 -17.70
C GLN B 665 24.33 -21.27 -17.49
N THR B 666 25.39 -21.21 -16.69
CA THR B 666 26.05 -19.94 -16.41
C THR B 666 26.63 -19.38 -17.72
N GLU B 667 27.31 -20.24 -18.46
CA GLU B 667 27.92 -19.85 -19.73
C GLU B 667 26.84 -19.41 -20.71
N LEU B 668 25.76 -20.18 -20.77
CA LEU B 668 24.66 -19.89 -21.67
C LEU B 668 24.06 -18.53 -21.31
N ARG B 669 23.97 -18.24 -20.01
CA ARG B 669 23.41 -16.98 -19.54
C ARG B 669 24.25 -15.77 -19.96
N HIS B 670 25.56 -15.85 -19.79
CA HIS B 670 26.44 -14.75 -20.16
C HIS B 670 26.35 -14.42 -21.65
N LYS B 671 26.21 -15.43 -22.48
CA LYS B 671 26.11 -15.22 -23.92
C LYS B 671 24.77 -14.57 -24.28
N ARG B 672 23.69 -15.16 -23.80
CA ARG B 672 22.35 -14.65 -24.09
C ARG B 672 22.09 -13.22 -23.63
N THR B 673 22.64 -12.84 -22.47
CA THR B 673 22.46 -11.50 -21.93
C THR B 673 23.48 -10.51 -22.45
N GLY B 674 24.28 -10.93 -23.43
CA GLY B 674 25.29 -10.03 -23.95
C GLY B 674 26.28 -9.65 -22.87
N GLY B 675 26.49 -10.56 -21.92
CA GLY B 675 27.42 -10.30 -20.83
C GLY B 675 26.94 -9.40 -19.71
N LYS B 676 25.68 -8.99 -19.73
CA LYS B 676 25.16 -8.13 -18.67
C LYS B 676 24.92 -8.92 -17.38
N HIS B 677 24.63 -10.21 -17.52
CA HIS B 677 24.36 -11.06 -16.36
C HIS B 677 24.92 -12.48 -16.54
K K C . -0.04 32.67 -3.99
MG MG D . 5.75 17.55 9.38
C5' 1CS E . -6.81 19.49 6.27
O4' 1CS E . -8.09 19.08 6.69
C4' 1CS E . -8.25 18.26 7.87
N5' 1CS E . -7.09 17.86 8.58
C6' 1CS E . -7.27 17.04 9.75
C7' 1CS E . -6.10 16.63 10.47
N1' 1CS E . -8.56 16.62 10.18
C2' 1CS E . -9.70 17.05 9.43
N10 1CS E . -10.94 16.67 9.81
C9 1CS E . -12.09 17.01 9.17
O9 1CS E . -12.24 17.70 8.15
N8 1CS E . -13.11 16.44 9.85
S7 1CS E . -14.71 16.56 9.40
O7A 1CS E . -15.53 17.69 9.75
O7B 1CS E . -14.87 15.32 10.13
C2 1CS E . -14.86 15.87 7.80
C3 1CS E . -15.86 16.60 7.05
C4 1CS E . -16.17 16.21 5.66
C5 1CS E . -15.46 15.08 5.05
C6 1CS E . -14.49 14.37 5.80
C1 1CS E . -14.18 14.74 7.16
N3' 1CS E . -9.51 17.85 8.29
CL11 1CS E . -12.98 13.84 7.98
PA FAD F . -11.42 18.29 -8.92
O1A FAD F . -10.54 17.51 -9.83
O2A FAD F . -11.66 17.75 -7.60
O5B FAD F . -12.79 18.53 -9.49
C5B FAD F . -12.86 19.07 -10.85
C4B FAD F . -14.30 19.24 -11.21
O4B FAD F . -14.20 19.75 -12.55
C3B FAD F . -15.25 17.96 -11.33
O3B FAD F . -16.61 18.13 -10.99
C2B FAD F . -14.93 17.52 -12.72
O2B FAD F . -15.57 16.43 -13.27
C1B FAD F . -14.95 18.91 -13.41
N9A FAD F . -14.28 18.91 -14.79
C8A FAD F . -13.08 18.10 -15.02
N7A FAD F . -12.58 18.14 -16.22
C5A FAD F . -13.39 18.98 -16.90
C6A FAD F . -13.51 19.54 -18.35
N6A FAD F . -12.64 19.21 -19.25
N1A FAD F . -14.60 20.45 -18.68
C2A FAD F . -15.58 20.84 -17.68
N3A FAD F . -15.58 20.39 -16.35
C4A FAD F . -14.48 19.46 -16.00
N1 FAD F . -8.82 22.91 -1.69
C2 FAD F . -9.10 24.23 -1.68
O2 FAD F . -9.50 24.74 -2.73
N3 FAD F . -8.87 25.03 -0.55
C4 FAD F . -8.27 24.51 0.63
O4 FAD F . -8.16 25.20 1.65
C4X FAD F . -7.87 23.10 0.60
N5 FAD F . -7.23 22.56 1.70
C5X FAD F . -6.83 21.23 1.64
C6 FAD F . -6.02 20.75 2.71
C7 FAD F . -5.43 19.45 2.64
C7M FAD F . -4.43 19.06 3.71
C8 FAD F . -5.70 18.59 1.48
C8M FAD F . -5.01 17.24 1.25
C9 FAD F . -6.57 19.05 0.45
C9A FAD F . -7.11 20.38 0.46
N10 FAD F . -7.88 20.93 -0.60
C10 FAD F . -8.20 22.31 -0.60
C1' FAD F . -8.05 20.14 -1.89
C2' FAD F . -9.44 19.70 -1.91
O2' FAD F . -9.67 18.53 -1.12
C3' FAD F . -10.00 19.34 -3.31
O3' FAD F . -9.09 18.24 -3.83
C4' FAD F . -9.89 20.45 -4.42
O4' FAD F . -10.50 21.70 -3.80
C5' FAD F . -10.66 20.04 -5.57
O5' FAD F . -10.50 21.10 -6.57
P FAD F . -11.20 21.00 -7.97
O1P FAD F . -12.67 20.96 -7.68
O2P FAD F . -10.80 22.18 -8.66
O3P FAD F . -10.74 19.74 -8.78
N NSP G . 7.64 -11.08 -7.51
CA NSP G . 6.54 -10.20 -7.24
CP NSP G . 6.05 -9.31 -6.32
CQ1 NSP G . 5.88 -7.93 -6.61
CQ2 NSP G . 5.67 -9.70 -4.98
NR1 NSP G . 5.39 -7.08 -5.65
NQ2 NSP G . 5.79 -11.01 -4.59
NR2 NSP G . 5.18 -8.80 -4.06
CS NSP G . 5.03 -7.48 -4.39
CS1 NSP G . 4.55 -6.57 -3.47
C6 P22 H . 0.27 15.97 7.59
C7 P22 H . 1.62 15.41 8.02
O7 P22 H . 2.91 15.55 8.24
PA P22 H . 3.93 16.10 7.42
O1A P22 H . 5.18 16.04 8.07
O2A P22 H . 3.99 15.37 6.14
O3A P22 H . 3.52 17.63 7.07
PB P22 H . 3.28 18.93 7.97
O1B P22 H . 1.80 18.98 8.13
O2B P22 H . 3.95 19.97 7.13
O3B P22 H . 4.01 18.76 9.23
N1' YF3 I . -1.88 8.21 5.65
C2' YF3 I . -1.79 8.64 4.36
CM2 YF3 I . -1.22 7.83 3.39
N3' YF3 I . -2.26 9.89 4.05
C4' YF3 I . -2.81 10.68 5.02
N4' YF3 I . -3.27 11.93 4.67
C5' YF3 I . -2.93 10.24 6.40
C6' YF3 I . -2.43 8.95 6.67
C7' YF3 I . -3.49 11.02 7.38
N3 YF3 I . -3.67 12.37 7.78
C4 YF3 I . -2.71 13.41 7.80
CM4 YF3 I . -2.95 14.62 6.87
S1 YF3 I . -0.78 12.20 9.95
C2 YF3 I . -1.51 13.27 8.74
K K J . 15.23 -27.94 7.15
MG MG K . 17.26 -10.37 -4.34
C4 P25 L . 8.76 -13.03 -5.57
CM4 P25 L . 8.22 -14.49 -5.77
C5 P25 L . 10.27 -12.75 -5.51
C6 P25 L . 10.95 -11.40 -5.31
C7 P25 L . 12.38 -11.12 -5.05
O7 P25 L . 13.59 -10.41 -4.81
PA P25 L . 14.25 -10.47 -3.51
O1A P25 L . 15.41 -9.68 -3.57
O2A P25 L . 13.46 -9.92 -2.46
O3A P25 L . 14.66 -11.95 -3.20
PB P25 L . 15.51 -13.05 -3.95
O1B P25 L . 14.59 -13.81 -4.71
O2B P25 L . 16.16 -13.75 -2.86
O3B P25 L . 16.50 -12.21 -4.74
C5' 1CS M . 7.55 -19.06 -6.62
O4' 1CS M . 6.60 -19.33 -7.61
C4' 1CS M . 6.58 -18.55 -8.83
N5' 1CS M . 7.54 -17.51 -8.97
C6' 1CS M . 7.52 -16.76 -10.17
C7' 1CS M . 8.48 -15.71 -10.31
N1' 1CS M . 6.57 -17.01 -11.20
C2' 1CS M . 5.62 -18.07 -11.00
N10 1CS M . 4.70 -18.32 -11.95
C9 1CS M . 3.75 -19.27 -11.86
O9 1CS M . 3.53 -20.08 -10.94
N8 1CS M . 2.99 -19.21 -12.98
S7 1CS M . 1.68 -20.18 -13.25
O7A 1CS M . 1.78 -21.54 -13.69
O7B 1CS M . 1.24 -19.15 -14.17
C2 1CS M . 0.55 -19.81 -11.95
C3 1CS M . -0.13 -21.01 -11.52
C4 1CS M . -1.13 -20.96 -10.44
C5 1CS M . -1.43 -19.67 -9.79
C6 1CS M . -0.75 -18.49 -10.22
C1 1CS M . 0.22 -18.54 -11.29
N3' 1CS M . 5.67 -18.81 -9.81
CL11 1CS M . 0.99 -17.08 -11.73
PA FAD N . -2.71 -22.23 4.96
O1A FAD N . -2.83 -21.23 6.05
O2A FAD N . -2.61 -21.73 3.61
O5B FAD N . -3.87 -23.20 4.93
C5B FAD N . -4.22 -23.86 6.19
C4B FAD N . -5.38 -24.78 5.94
O4B FAD N . -5.61 -25.33 7.24
C3B FAD N . -6.81 -24.19 5.49
O3B FAD N . -7.59 -25.00 4.64
C2B FAD N . -7.38 -23.85 6.81
O2B FAD N . -8.67 -23.35 6.91
C1B FAD N . -6.97 -25.11 7.59
N9A FAD N . -7.04 -24.95 9.11
C8A FAD N . -6.69 -23.68 9.73
N7A FAD N . -6.80 -23.64 11.02
C5A FAD N . -7.24 -24.86 11.37
C6A FAD N . -7.62 -25.62 12.66
N6A FAD N . -7.53 -25.02 13.83
N1A FAD N . -8.06 -27.01 12.58
C2A FAD N . -8.17 -27.69 11.31
N3A FAD N . -7.86 -27.11 10.08
C4A FAD N . -7.40 -25.70 10.15
N1 FAD N . 4.58 -23.94 0.21
C2 FAD N . 5.04 -25.20 0.29
O2 FAD N . 4.56 -25.95 1.14
N3 FAD N . 6.10 -25.64 -0.51
C4 FAD N . 6.78 -24.79 -1.41
O4 FAD N . 7.64 -25.21 -2.18
C4X FAD N . 6.35 -23.38 -1.44
N5 FAD N . 7.01 -22.50 -2.25
C5X FAD N . 6.62 -21.17 -2.23
C6 FAD N . 7.44 -20.24 -2.94
C7 FAD N . 7.20 -18.85 -2.81
C7M FAD N . 8.21 -17.90 -3.42
C8 FAD N . 6.06 -18.37 -2.02
C8M FAD N . 5.81 -16.89 -1.73
C9 FAD N . 5.20 -19.31 -1.39
C9A FAD N . 5.48 -20.71 -1.41
N10 FAD N . 4.73 -21.67 -0.70
C10 FAD N . 5.20 -23.01 -0.62
C1' FAD N . 3.67 -21.22 0.27
C2' FAD N . 2.38 -21.55 -0.34
O2' FAD N . 1.95 -20.59 -1.30
C3' FAD N . 1.21 -21.69 0.66
O3' FAD N . 1.18 -20.34 1.38
C4' FAD N . 1.40 -22.71 1.83
O4' FAD N . 1.84 -23.99 1.15
C5' FAD N . 0.12 -22.92 2.50
O5' FAD N . 0.39 -23.86 3.58
P FAD N . -0.76 -24.33 4.54
O1P FAD N . -1.73 -25.03 3.67
O2P FAD N . -0.14 -25.21 5.47
O3P FAD N . -1.41 -23.11 5.31
#